data_1PI2
# 
_entry.id   1PI2 
# 
_audit_conform.dict_name       mmcif_pdbx.dic 
_audit_conform.dict_version    5.397 
_audit_conform.dict_location   http://mmcif.pdb.org/dictionaries/ascii/mmcif_pdbx.dic 
# 
loop_
_database_2.database_id 
_database_2.database_code 
_database_2.pdbx_database_accession 
_database_2.pdbx_DOI 
PDB   1PI2         pdb_00001pi2 10.2210/pdb1pi2/pdb 
WWPDB D_1000175690 ?            ?                   
# 
loop_
_pdbx_audit_revision_history.ordinal 
_pdbx_audit_revision_history.data_content_type 
_pdbx_audit_revision_history.major_revision 
_pdbx_audit_revision_history.minor_revision 
_pdbx_audit_revision_history.revision_date 
1 'Structure model' 1 0 1992-04-15 
2 'Structure model' 1 1 2008-03-24 
3 'Structure model' 1 2 2011-07-13 
4 'Structure model' 1 3 2024-06-05 
5 'Structure model' 1 4 2024-10-09 
# 
_pdbx_audit_revision_details.ordinal             1 
_pdbx_audit_revision_details.revision_ordinal    1 
_pdbx_audit_revision_details.data_content_type   'Structure model' 
_pdbx_audit_revision_details.provider            repository 
_pdbx_audit_revision_details.type                'Initial release' 
_pdbx_audit_revision_details.description         ? 
_pdbx_audit_revision_details.details             ? 
# 
loop_
_pdbx_audit_revision_group.ordinal 
_pdbx_audit_revision_group.revision_ordinal 
_pdbx_audit_revision_group.data_content_type 
_pdbx_audit_revision_group.group 
1 2 'Structure model' 'Version format compliance' 
2 3 'Structure model' 'Version format compliance' 
3 4 'Structure model' 'Data collection'           
4 4 'Structure model' 'Database references'       
5 4 'Structure model' Other                       
6 5 'Structure model' 'Structure summary'         
# 
loop_
_pdbx_audit_revision_category.ordinal 
_pdbx_audit_revision_category.revision_ordinal 
_pdbx_audit_revision_category.data_content_type 
_pdbx_audit_revision_category.category 
1 4 'Structure model' chem_comp_atom            
2 4 'Structure model' chem_comp_bond            
3 4 'Structure model' database_2                
4 4 'Structure model' pdbx_database_status      
5 4 'Structure model' struct_ref_seq_dif        
6 5 'Structure model' pdbx_entry_details        
7 5 'Structure model' pdbx_modification_feature 
# 
loop_
_pdbx_audit_revision_item.ordinal 
_pdbx_audit_revision_item.revision_ordinal 
_pdbx_audit_revision_item.data_content_type 
_pdbx_audit_revision_item.item 
1 4 'Structure model' '_database_2.pdbx_DOI'                
2 4 'Structure model' '_database_2.pdbx_database_accession' 
3 4 'Structure model' '_pdbx_database_status.process_site'  
4 4 'Structure model' '_struct_ref_seq_dif.details'         
# 
_pdbx_database_status.status_code                     REL 
_pdbx_database_status.entry_id                        1PI2 
_pdbx_database_status.recvd_initial_deposition_date   1991-03-26 
_pdbx_database_status.deposit_site                    ? 
_pdbx_database_status.process_site                    BNL 
_pdbx_database_status.SG_entry                        . 
_pdbx_database_status.pdb_format_compatible           Y 
_pdbx_database_status.status_code_mr                  ? 
_pdbx_database_status.status_code_sf                  ? 
_pdbx_database_status.status_code_cs                  ? 
_pdbx_database_status.status_code_nmr_data            ? 
_pdbx_database_status.methods_development_category    ? 
# 
loop_
_audit_author.name 
_audit_author.pdbx_ordinal 
'Chen, P.'   1 
'Rose, J.'   2 
'Wang, B.C.' 3 
# 
loop_
_citation.id 
_citation.title 
_citation.journal_abbrev 
_citation.journal_volume 
_citation.page_first 
_citation.page_last 
_citation.year 
_citation.journal_id_ASTM 
_citation.country 
_citation.journal_id_ISSN 
_citation.journal_id_CSD 
_citation.book_publisher 
_citation.pdbx_database_id_PubMed 
_citation.pdbx_database_id_DOI 
primary 'Reactive sites of an anticarcinogenic Bowman-Birk proteinase inhibitor are similar to other trypsin inhibitors.'   
J.Biol.Chem. 267 1990 1994 1992 JBCHA3 US 0021-9258 0071 ? 1730730 ? 
1       'Crystallization of Two Cubic Forms of Soybean Trypsin Inhibitor E-I, a Member of the Bowman-Birk Inhibitor Family' 
J.Biol.Chem. 258 9357 ?    1983 JBCHA3 US 0021-9258 0071 ? ?       ? 
# 
loop_
_citation_author.citation_id 
_citation_author.name 
_citation_author.ordinal 
_citation_author.identifier_ORCID 
primary 'Chen, P.'   1 ? 
primary 'Rose, J.'   2 ? 
primary 'Love, R.'   3 ? 
primary 'Wei, C.H.'  4 ? 
primary 'Wang, B.C.' 5 ? 
1       'Wei, C.H.'  6 ? 
# 
_entity.id                         1 
_entity.type                       polymer 
_entity.src_method                 man 
_entity.pdbx_description           'BOWMAN-BIRK INHIBITOR (PI-II)' 
_entity.formula_weight             7213.337 
_entity.pdbx_number_of_molecules   1 
_entity.pdbx_ec                    ? 
_entity.pdbx_mutation              ? 
_entity.pdbx_fragment              ? 
_entity.details                    ? 
# 
_entity_poly.entity_id                      1 
_entity_poly.type                           'polypeptide(L)' 
_entity_poly.nstd_linkage                   no 
_entity_poly.nstd_monomer                   no 
_entity_poly.pdbx_seq_one_letter_code       DEYSKPCCDLCMCTRSMPPQCSCEDRINSCHSDCKSCMCTRSQPGQCRCLDTNDFCYKPCKSR 
_entity_poly.pdbx_seq_one_letter_code_can   DEYSKPCCDLCMCTRSMPPQCSCEDRINSCHSDCKSCMCTRSQPGQCRCLDTNDFCYKPCKSR 
_entity_poly.pdbx_strand_id                 A 
_entity_poly.pdbx_target_identifier         ? 
# 
loop_
_entity_poly_seq.entity_id 
_entity_poly_seq.num 
_entity_poly_seq.mon_id 
_entity_poly_seq.hetero 
1 1  ASP n 
1 2  GLU n 
1 3  TYR n 
1 4  SER n 
1 5  LYS n 
1 6  PRO n 
1 7  CYS n 
1 8  CYS n 
1 9  ASP n 
1 10 LEU n 
1 11 CYS n 
1 12 MET n 
1 13 CYS n 
1 14 THR n 
1 15 ARG n 
1 16 SER n 
1 17 MET n 
1 18 PRO n 
1 19 PRO n 
1 20 GLN n 
1 21 CYS n 
1 22 SER n 
1 23 CYS n 
1 24 GLU n 
1 25 ASP n 
1 26 ARG n 
1 27 ILE n 
1 28 ASN n 
1 29 SER n 
1 30 CYS n 
1 31 HIS n 
1 32 SER n 
1 33 ASP n 
1 34 CYS n 
1 35 LYS n 
1 36 SER n 
1 37 CYS n 
1 38 MET n 
1 39 CYS n 
1 40 THR n 
1 41 ARG n 
1 42 SER n 
1 43 GLN n 
1 44 PRO n 
1 45 GLY n 
1 46 GLN n 
1 47 CYS n 
1 48 ARG n 
1 49 CYS n 
1 50 LEU n 
1 51 ASP n 
1 52 THR n 
1 53 ASN n 
1 54 ASP n 
1 55 PHE n 
1 56 CYS n 
1 57 TYR n 
1 58 LYS n 
1 59 PRO n 
1 60 CYS n 
1 61 LYS n 
1 62 SER n 
1 63 ARG n 
# 
_entity_src_gen.entity_id                          1 
_entity_src_gen.pdbx_src_id                        1 
_entity_src_gen.pdbx_alt_source_flag               sample 
_entity_src_gen.pdbx_seq_type                      ? 
_entity_src_gen.pdbx_beg_seq_num                   ? 
_entity_src_gen.pdbx_end_seq_num                   ? 
_entity_src_gen.gene_src_common_name               soybean 
_entity_src_gen.gene_src_genus                     Glycine 
_entity_src_gen.pdbx_gene_src_gene                 ? 
_entity_src_gen.gene_src_species                   ? 
_entity_src_gen.gene_src_strain                    ? 
_entity_src_gen.gene_src_tissue                    ? 
_entity_src_gen.gene_src_tissue_fraction           ? 
_entity_src_gen.gene_src_details                   ? 
_entity_src_gen.pdbx_gene_src_fragment             ? 
_entity_src_gen.pdbx_gene_src_scientific_name      'Glycine max' 
_entity_src_gen.pdbx_gene_src_ncbi_taxonomy_id     3847 
_entity_src_gen.pdbx_gene_src_variant              ? 
_entity_src_gen.pdbx_gene_src_cell_line            ? 
_entity_src_gen.pdbx_gene_src_atcc                 ? 
_entity_src_gen.pdbx_gene_src_organ                ? 
_entity_src_gen.pdbx_gene_src_organelle            ? 
_entity_src_gen.pdbx_gene_src_cell                 ? 
_entity_src_gen.pdbx_gene_src_cellular_location    ? 
_entity_src_gen.host_org_common_name               ? 
_entity_src_gen.pdbx_host_org_scientific_name      ? 
_entity_src_gen.pdbx_host_org_ncbi_taxonomy_id     ? 
_entity_src_gen.host_org_genus                     ? 
_entity_src_gen.pdbx_host_org_gene                 ? 
_entity_src_gen.pdbx_host_org_organ                ? 
_entity_src_gen.host_org_species                   ? 
_entity_src_gen.pdbx_host_org_tissue               ? 
_entity_src_gen.pdbx_host_org_tissue_fraction      ? 
_entity_src_gen.pdbx_host_org_strain               ? 
_entity_src_gen.pdbx_host_org_variant              ? 
_entity_src_gen.pdbx_host_org_cell_line            ? 
_entity_src_gen.pdbx_host_org_atcc                 ? 
_entity_src_gen.pdbx_host_org_culture_collection   ? 
_entity_src_gen.pdbx_host_org_cell                 ? 
_entity_src_gen.pdbx_host_org_organelle            ? 
_entity_src_gen.pdbx_host_org_cellular_location    ? 
_entity_src_gen.pdbx_host_org_vector_type          ? 
_entity_src_gen.pdbx_host_org_vector               ? 
_entity_src_gen.host_org_details                   ? 
_entity_src_gen.expression_system_id               ? 
_entity_src_gen.plasmid_name                       ? 
_entity_src_gen.plasmid_details                    ? 
_entity_src_gen.pdbx_description                   ? 
# 
loop_
_chem_comp.id 
_chem_comp.type 
_chem_comp.mon_nstd_flag 
_chem_comp.name 
_chem_comp.pdbx_synonyms 
_chem_comp.formula 
_chem_comp.formula_weight 
ARG 'L-peptide linking' y ARGININE        ? 'C6 H15 N4 O2 1' 175.209 
ASN 'L-peptide linking' y ASPARAGINE      ? 'C4 H8 N2 O3'    132.118 
ASP 'L-peptide linking' y 'ASPARTIC ACID' ? 'C4 H7 N O4'     133.103 
CYS 'L-peptide linking' y CYSTEINE        ? 'C3 H7 N O2 S'   121.158 
GLN 'L-peptide linking' y GLUTAMINE       ? 'C5 H10 N2 O3'   146.144 
GLU 'L-peptide linking' y 'GLUTAMIC ACID' ? 'C5 H9 N O4'     147.129 
GLY 'peptide linking'   y GLYCINE         ? 'C2 H5 N O2'     75.067  
HIS 'L-peptide linking' y HISTIDINE       ? 'C6 H10 N3 O2 1' 156.162 
ILE 'L-peptide linking' y ISOLEUCINE      ? 'C6 H13 N O2'    131.173 
LEU 'L-peptide linking' y LEUCINE         ? 'C6 H13 N O2'    131.173 
LYS 'L-peptide linking' y LYSINE          ? 'C6 H15 N2 O2 1' 147.195 
MET 'L-peptide linking' y METHIONINE      ? 'C5 H11 N O2 S'  149.211 
PHE 'L-peptide linking' y PHENYLALANINE   ? 'C9 H11 N O2'    165.189 
PRO 'L-peptide linking' y PROLINE         ? 'C5 H9 N O2'     115.130 
SER 'L-peptide linking' y SERINE          ? 'C3 H7 N O3'     105.093 
THR 'L-peptide linking' y THREONINE       ? 'C4 H9 N O3'     119.119 
TYR 'L-peptide linking' y TYROSINE        ? 'C9 H11 N O3'    181.189 
# 
loop_
_pdbx_poly_seq_scheme.asym_id 
_pdbx_poly_seq_scheme.entity_id 
_pdbx_poly_seq_scheme.seq_id 
_pdbx_poly_seq_scheme.mon_id 
_pdbx_poly_seq_scheme.ndb_seq_num 
_pdbx_poly_seq_scheme.pdb_seq_num 
_pdbx_poly_seq_scheme.auth_seq_num 
_pdbx_poly_seq_scheme.pdb_mon_id 
_pdbx_poly_seq_scheme.auth_mon_id 
_pdbx_poly_seq_scheme.pdb_strand_id 
_pdbx_poly_seq_scheme.pdb_ins_code 
_pdbx_poly_seq_scheme.hetero 
A 1 1  ASP 1  1  ?  ?   ?   A . n 
A 1 2  GLU 2  2  ?  ?   ?   A . n 
A 1 3  TYR 3  3  3  TYR TYR A . n 
A 1 4  SER 4  4  4  SER SER A . n 
A 1 5  LYS 5  5  5  LYS LYS A . n 
A 1 6  PRO 6  6  6  PRO PRO A . n 
A 1 7  CYS 7  7  7  CYS CYS A . n 
A 1 8  CYS 8  8  8  CYS CYS A . n 
A 1 9  ASP 9  9  9  ASP ASP A . n 
A 1 10 LEU 10 10 10 LEU LEU A . n 
A 1 11 CYS 11 11 11 CYS CYS A . n 
A 1 12 MET 12 12 12 MET MET A . n 
A 1 13 CYS 13 13 13 CYS CYS A . n 
A 1 14 THR 14 14 14 THR THR A . n 
A 1 15 ARG 15 15 15 ARG ARG A . n 
A 1 16 SER 16 16 16 SER SER A . n 
A 1 17 MET 17 17 17 MET MET A . n 
A 1 18 PRO 18 18 18 PRO PRO A . n 
A 1 19 PRO 19 19 19 PRO PRO A . n 
A 1 20 GLN 20 20 20 GLN GLN A . n 
A 1 21 CYS 21 21 21 CYS CYS A . n 
A 1 22 SER 22 22 22 SER SER A . n 
A 1 23 CYS 23 23 23 CYS CYS A . n 
A 1 24 GLU 24 24 24 GLU GLU A . n 
A 1 25 ASP 25 25 25 ASP ASP A . n 
A 1 26 ARG 26 26 26 ARG ARG A . n 
A 1 27 ILE 27 27 27 ILE ILE A . n 
A 1 28 ASN 28 28 28 ASN ASN A . n 
A 1 29 SER 29 29 29 SER SER A . n 
A 1 30 CYS 30 30 30 CYS CYS A . n 
A 1 31 HIS 31 31 31 HIS HIS A . n 
A 1 32 SER 32 32 32 SER SER A . n 
A 1 33 ASP 33 33 33 ASP ASP A . n 
A 1 34 CYS 34 34 34 CYS CYS A . n 
A 1 35 LYS 35 35 35 LYS LYS A . n 
A 1 36 SER 36 36 36 SER SER A . n 
A 1 37 CYS 37 37 37 CYS CYS A . n 
A 1 38 MET 38 38 38 MET MET A . n 
A 1 39 CYS 39 39 39 CYS CYS A . n 
A 1 40 THR 40 40 40 THR THR A . n 
A 1 41 ARG 41 41 41 ARG ARG A . n 
A 1 42 SER 42 42 42 SER SER A . n 
A 1 43 GLN 43 43 43 GLN GLN A . n 
A 1 44 PRO 44 44 44 PRO PRO A . n 
A 1 45 GLY 45 45 45 GLY GLY A . n 
A 1 46 GLN 46 46 46 GLN GLN A . n 
A 1 47 CYS 47 47 47 CYS CYS A . n 
A 1 48 ARG 48 48 48 ARG ARG A . n 
A 1 49 CYS 49 49 49 CYS CYS A . n 
A 1 50 LEU 50 50 50 LEU LEU A . n 
A 1 51 ASP 51 51 51 ASP ASP A . n 
A 1 52 THR 52 52 52 THR THR A . n 
A 1 53 ASN 53 53 53 ASN ASN A . n 
A 1 54 ASP 54 54 54 ASP ASP A . n 
A 1 55 PHE 55 55 55 PHE PHE A . n 
A 1 56 CYS 56 56 56 CYS CYS A . n 
A 1 57 TYR 57 57 57 TYR TYR A . n 
A 1 58 LYS 58 58 58 LYS LYS A . n 
A 1 59 PRO 59 59 59 PRO PRO A . n 
A 1 60 CYS 60 60 60 CYS CYS A . n 
A 1 61 LYS 61 61 61 LYS LYS A . n 
A 1 62 SER 62 62 62 SER SER A . n 
A 1 63 ARG 63 63 63 ARG ARG A . n 
# 
loop_
_pdbx_unobs_or_zero_occ_atoms.id 
_pdbx_unobs_or_zero_occ_atoms.PDB_model_num 
_pdbx_unobs_or_zero_occ_atoms.polymer_flag 
_pdbx_unobs_or_zero_occ_atoms.occupancy_flag 
_pdbx_unobs_or_zero_occ_atoms.auth_asym_id 
_pdbx_unobs_or_zero_occ_atoms.auth_comp_id 
_pdbx_unobs_or_zero_occ_atoms.auth_seq_id 
_pdbx_unobs_or_zero_occ_atoms.PDB_ins_code 
_pdbx_unobs_or_zero_occ_atoms.auth_atom_id 
_pdbx_unobs_or_zero_occ_atoms.label_alt_id 
_pdbx_unobs_or_zero_occ_atoms.label_asym_id 
_pdbx_unobs_or_zero_occ_atoms.label_comp_id 
_pdbx_unobs_or_zero_occ_atoms.label_seq_id 
_pdbx_unobs_or_zero_occ_atoms.label_atom_id 
1 1 Y 1 A SER 62 ? OG  ? A SER 62 OG  
2 1 Y 1 A ARG 63 ? CG  ? A ARG 63 CG  
3 1 Y 1 A ARG 63 ? CD  ? A ARG 63 CD  
4 1 Y 1 A ARG 63 ? NE  ? A ARG 63 NE  
5 1 Y 1 A ARG 63 ? CZ  ? A ARG 63 CZ  
6 1 Y 1 A ARG 63 ? NH1 ? A ARG 63 NH1 
7 1 Y 1 A ARG 63 ? NH2 ? A ARG 63 NH2 
# 
_software.name             GPRLSA 
_software.classification   refinement 
_software.version          . 
_software.citation_id      ? 
_software.pdbx_ordinal     1 
# 
_cell.entry_id           1PI2 
_cell.length_a           89.960 
_cell.length_b           89.960 
_cell.length_c           89.960 
_cell.angle_alpha        90.00 
_cell.angle_beta         90.00 
_cell.angle_gamma        90.00 
_cell.Z_PDB              24 
_cell.pdbx_unique_axis   ? 
# 
_symmetry.entry_id                         1PI2 
_symmetry.space_group_name_H-M             'P 41 3 2' 
_symmetry.pdbx_full_space_group_name_H-M   ? 
_symmetry.cell_setting                     ? 
_symmetry.Int_Tables_number                213 
# 
_exptl.entry_id          1PI2 
_exptl.method            'X-RAY DIFFRACTION' 
_exptl.crystals_number   ? 
# 
_exptl_crystal.id                    1 
_exptl_crystal.density_meas          ? 
_exptl_crystal.density_Matthews      4.20 
_exptl_crystal.density_percent_sol   70.73 
_exptl_crystal.description           ? 
# 
_refine.entry_id                                 1PI2 
_refine.ls_number_reflns_obs                     ? 
_refine.ls_number_reflns_all                     ? 
_refine.pdbx_ls_sigma_I                          ? 
_refine.pdbx_ls_sigma_F                          ? 
_refine.pdbx_data_cutoff_high_absF               ? 
_refine.pdbx_data_cutoff_low_absF                ? 
_refine.pdbx_data_cutoff_high_rms_absF           ? 
_refine.ls_d_res_low                             ? 
_refine.ls_d_res_high                            2.5 
_refine.ls_percent_reflns_obs                    ? 
_refine.ls_R_factor_obs                          0.236 
_refine.ls_R_factor_all                          ? 
_refine.ls_R_factor_R_work                       ? 
_refine.ls_R_factor_R_free                       ? 
_refine.ls_R_factor_R_free_error                 ? 
_refine.ls_R_factor_R_free_error_details         ? 
_refine.ls_percent_reflns_R_free                 ? 
_refine.ls_number_reflns_R_free                  ? 
_refine.ls_number_parameters                     ? 
_refine.ls_number_restraints                     ? 
_refine.occupancy_min                            ? 
_refine.occupancy_max                            ? 
_refine.B_iso_mean                               ? 
_refine.aniso_B[1][1]                            ? 
_refine.aniso_B[2][2]                            ? 
_refine.aniso_B[3][3]                            ? 
_refine.aniso_B[1][2]                            ? 
_refine.aniso_B[1][3]                            ? 
_refine.aniso_B[2][3]                            ? 
_refine.solvent_model_details                    ? 
_refine.solvent_model_param_ksol                 ? 
_refine.solvent_model_param_bsol                 ? 
_refine.pdbx_ls_cross_valid_method               ? 
_refine.details                                  ? 
_refine.pdbx_starting_model                      ? 
_refine.pdbx_method_to_determine_struct          ? 
_refine.pdbx_isotropic_thermal_model             ? 
_refine.pdbx_stereochemistry_target_values       ? 
_refine.pdbx_stereochem_target_val_spec_case     ? 
_refine.pdbx_R_Free_selection_details            ? 
_refine.pdbx_overall_ESU_R                       ? 
_refine.pdbx_overall_ESU_R_Free                  ? 
_refine.overall_SU_ML                            ? 
_refine.overall_SU_B                             ? 
_refine.pdbx_refine_id                           'X-RAY DIFFRACTION' 
_refine.pdbx_diffrn_id                           1 
_refine.pdbx_TLS_residual_ADP_flag               ? 
_refine.correlation_coeff_Fo_to_Fc               ? 
_refine.correlation_coeff_Fo_to_Fc_free          ? 
_refine.pdbx_solvent_vdw_probe_radii             ? 
_refine.pdbx_solvent_ion_probe_radii             ? 
_refine.pdbx_solvent_shrinkage_radii             ? 
_refine.pdbx_overall_phase_error                 ? 
_refine.overall_SU_R_Cruickshank_DPI             ? 
_refine.pdbx_overall_SU_R_free_Cruickshank_DPI   ? 
_refine.pdbx_overall_SU_R_Blow_DPI               ? 
_refine.pdbx_overall_SU_R_free_Blow_DPI          ? 
# 
_refine_hist.pdbx_refine_id                   'X-RAY DIFFRACTION' 
_refine_hist.cycle_id                         LAST 
_refine_hist.pdbx_number_atoms_protein        461 
_refine_hist.pdbx_number_atoms_nucleic_acid   0 
_refine_hist.pdbx_number_atoms_ligand         0 
_refine_hist.number_atoms_solvent             0 
_refine_hist.number_atoms_total               461 
_refine_hist.d_res_high                       2.5 
_refine_hist.d_res_low                        . 
# 
loop_
_refine_ls_restr.type 
_refine_ls_restr.dev_ideal 
_refine_ls_restr.dev_ideal_target 
_refine_ls_restr.weight 
_refine_ls_restr.number 
_refine_ls_restr.pdbx_refine_id 
_refine_ls_restr.pdbx_restraint_function 
p_bond_d            0.012 ? ? ? 'X-RAY DIFFRACTION' ? 
p_angle_d           ?     ? ? ? 'X-RAY DIFFRACTION' ? 
p_angle_deg         2.8   ? ? ? 'X-RAY DIFFRACTION' ? 
p_planar_d          ?     ? ? ? 'X-RAY DIFFRACTION' ? 
p_hb_or_metal_coord ?     ? ? ? 'X-RAY DIFFRACTION' ? 
p_mcbond_it         ?     ? ? ? 'X-RAY DIFFRACTION' ? 
p_mcangle_it        ?     ? ? ? 'X-RAY DIFFRACTION' ? 
p_scbond_it         ?     ? ? ? 'X-RAY DIFFRACTION' ? 
p_scangle_it        ?     ? ? ? 'X-RAY DIFFRACTION' ? 
p_plane_restr       ?     ? ? ? 'X-RAY DIFFRACTION' ? 
p_chiral_restr      ?     ? ? ? 'X-RAY DIFFRACTION' ? 
p_singtor_nbd       ?     ? ? ? 'X-RAY DIFFRACTION' ? 
p_multtor_nbd       ?     ? ? ? 'X-RAY DIFFRACTION' ? 
p_xhyhbond_nbd      ?     ? ? ? 'X-RAY DIFFRACTION' ? 
p_xyhbond_nbd       ?     ? ? ? 'X-RAY DIFFRACTION' ? 
p_planar_tor        ?     ? ? ? 'X-RAY DIFFRACTION' ? 
p_staggered_tor     ?     ? ? ? 'X-RAY DIFFRACTION' ? 
p_orthonormal_tor   ?     ? ? ? 'X-RAY DIFFRACTION' ? 
p_transverse_tor    ?     ? ? ? 'X-RAY DIFFRACTION' ? 
p_special_tor       ?     ? ? ? 'X-RAY DIFFRACTION' ? 
# 
_struct.entry_id                  1PI2 
_struct.title                     
'REACTIVE SITES OF AN ANTICARCINOGENIC BOWMAN-BIRK PROTEINASE INHIBITOR ARE SIMILAR TO OTHER TRYPSIN INHIBITORS' 
_struct.pdbx_model_details        ? 
_struct.pdbx_CASP_flag            ? 
_struct.pdbx_model_type_details   ? 
# 
_struct_keywords.entry_id        1PI2 
_struct_keywords.pdbx_keywords   'SERINE PROTEINASE INHIBITOR' 
_struct_keywords.text            'SERINE PROTEINASE INHIBITOR' 
# 
_struct_asym.id                            A 
_struct_asym.pdbx_blank_PDB_chainid_flag   N 
_struct_asym.pdbx_modified                 N 
_struct_asym.entity_id                     1 
_struct_asym.details                       ? 
# 
_struct_ref.id                         1 
_struct_ref.db_name                    UNP 
_struct_ref.db_code                    IBBD2_SOYBN 
_struct_ref.entity_id                  1 
_struct_ref.pdbx_db_accession          P01064 
_struct_ref.pdbx_align_begin           1 
_struct_ref.pdbx_seq_one_letter_code   
;MCILSFLKSDQSSSYDDDEYSKPCCDLCMCTRSMPPQCSCEDIRLNSCHSDCKSCMCTRSQPGQCRCLDTNDFCYKPCKS
RDD
;
_struct_ref.pdbx_db_isoform            ? 
# 
_struct_ref_seq.align_id                      1 
_struct_ref_seq.ref_id                        1 
_struct_ref_seq.pdbx_PDB_id_code              1PI2 
_struct_ref_seq.pdbx_strand_id                A 
_struct_ref_seq.seq_align_beg                 1 
_struct_ref_seq.pdbx_seq_align_beg_ins_code   ? 
_struct_ref_seq.seq_align_end                 63 
_struct_ref_seq.pdbx_seq_align_end_ins_code   ? 
_struct_ref_seq.pdbx_db_accession             P01064 
_struct_ref_seq.db_align_beg                  18 
_struct_ref_seq.pdbx_db_align_beg_ins_code    ? 
_struct_ref_seq.db_align_end                  81 
_struct_ref_seq.pdbx_db_align_end_ins_code    ? 
_struct_ref_seq.pdbx_auth_seq_align_beg       1 
_struct_ref_seq.pdbx_auth_seq_align_end       63 
# 
loop_
_struct_ref_seq_dif.align_id 
_struct_ref_seq_dif.pdbx_pdb_id_code 
_struct_ref_seq_dif.mon_id 
_struct_ref_seq_dif.pdbx_pdb_strand_id 
_struct_ref_seq_dif.seq_num 
_struct_ref_seq_dif.pdbx_pdb_ins_code 
_struct_ref_seq_dif.pdbx_seq_db_name 
_struct_ref_seq_dif.pdbx_seq_db_accession_code 
_struct_ref_seq_dif.db_mon_id 
_struct_ref_seq_dif.pdbx_seq_db_seq_num 
_struct_ref_seq_dif.details 
_struct_ref_seq_dif.pdbx_auth_seq_num 
_struct_ref_seq_dif.pdbx_ordinal 
1 1PI2 ?   A ?  ? UNP P01064 ILE 43 deletion ?  1 
1 1PI2 ILE A 27 ? UNP P01064 LEU 45 conflict 27 2 
# 
_pdbx_struct_assembly.id                   1 
_pdbx_struct_assembly.details              author_defined_assembly 
_pdbx_struct_assembly.method_details       ? 
_pdbx_struct_assembly.oligomeric_details   hexameric 
_pdbx_struct_assembly.oligomeric_count     6 
# 
_pdbx_struct_assembly_gen.assembly_id       1 
_pdbx_struct_assembly_gen.oper_expression   1,2,3,4,5,6 
_pdbx_struct_assembly_gen.asym_id_list      A 
# 
loop_
_pdbx_struct_oper_list.id 
_pdbx_struct_oper_list.type 
_pdbx_struct_oper_list.name 
_pdbx_struct_oper_list.symmetry_operation 
_pdbx_struct_oper_list.matrix[1][1] 
_pdbx_struct_oper_list.matrix[1][2] 
_pdbx_struct_oper_list.matrix[1][3] 
_pdbx_struct_oper_list.vector[1] 
_pdbx_struct_oper_list.matrix[2][1] 
_pdbx_struct_oper_list.matrix[2][2] 
_pdbx_struct_oper_list.matrix[2][3] 
_pdbx_struct_oper_list.vector[2] 
_pdbx_struct_oper_list.matrix[3][1] 
_pdbx_struct_oper_list.matrix[3][2] 
_pdbx_struct_oper_list.matrix[3][3] 
_pdbx_struct_oper_list.vector[3] 
1 'identity operation'         1_555  x,y,z                1.0000000000  0.0000000000  0.0000000000  0.0000000000  0.0000000000  1.0000000000  0.0000000000  0.0000000000  0.0000000000  0.0000000000  1.0000000000  0.0000000000  
2 'crystal symmetry operation' 19_555 -x+3/4,-z+3/4,-y+3/4 -0.9824899724 0.1858516773  -0.0131380403 17.5687191358 0.1858516773  0.9726323007  -0.1394473438 0.2237684860  -0.0131380403 -0.1394473438 -0.9901423283 26.5805626791 
3 'crystal symmetry operation' 10_655 -y+1,z+1/2,-x+1/2    -0.3773054258 0.7853399473  -0.4907970892 14.2134645055 -0.8662963610 -0.4866458216 -0.1127229314 19.0398237754 -0.3273701737 0.3826447587  0.8639512475  2.3790173356  
4 'crystal symmetry operation' 7_564  -z+1/2,-x+1,y-1/2    -0.3773054258 -0.8662963610 -0.3273701737 22.6357666458 0.7853399473  -0.4866458216 0.3826447587  -2.8070692954 -0.4907970892 -0.1127229314 0.8639512475  7.0667967606  
5 'crystal symmetry operation' 22_564 z+1/4,-y+5/4,x-1/4   0.5231036558  0.7621645040  0.3814024568  -5.2852370099 0.7621645040  -0.6186111635 0.1908546495  0.7149713798  0.3814024568  0.1908546495  -0.9044924923 19.6774768232 
6 'crystal symmetry operation' 13_455 y-1/4,x+1/4,-z+1/4   0.2139971682  -0.8670597677 0.4499028464  7.1114603444  -0.8670597677 -0.3807294939 -0.3213291330 21.0523646598 0.4499028464  -0.3213291330 -0.8332676743 21.3832069930  
# 
_struct_biol.id   1 
# 
loop_
_struct_conn.id 
_struct_conn.conn_type_id 
_struct_conn.pdbx_leaving_atom_flag 
_struct_conn.pdbx_PDB_id 
_struct_conn.ptnr1_label_asym_id 
_struct_conn.ptnr1_label_comp_id 
_struct_conn.ptnr1_label_seq_id 
_struct_conn.ptnr1_label_atom_id 
_struct_conn.pdbx_ptnr1_label_alt_id 
_struct_conn.pdbx_ptnr1_PDB_ins_code 
_struct_conn.pdbx_ptnr1_standard_comp_id 
_struct_conn.ptnr1_symmetry 
_struct_conn.ptnr2_label_asym_id 
_struct_conn.ptnr2_label_comp_id 
_struct_conn.ptnr2_label_seq_id 
_struct_conn.ptnr2_label_atom_id 
_struct_conn.pdbx_ptnr2_label_alt_id 
_struct_conn.pdbx_ptnr2_PDB_ins_code 
_struct_conn.ptnr1_auth_asym_id 
_struct_conn.ptnr1_auth_comp_id 
_struct_conn.ptnr1_auth_seq_id 
_struct_conn.ptnr2_auth_asym_id 
_struct_conn.ptnr2_auth_comp_id 
_struct_conn.ptnr2_auth_seq_id 
_struct_conn.ptnr2_symmetry 
_struct_conn.pdbx_ptnr3_label_atom_id 
_struct_conn.pdbx_ptnr3_label_seq_id 
_struct_conn.pdbx_ptnr3_label_comp_id 
_struct_conn.pdbx_ptnr3_label_asym_id 
_struct_conn.pdbx_ptnr3_label_alt_id 
_struct_conn.pdbx_ptnr3_PDB_ins_code 
_struct_conn.details 
_struct_conn.pdbx_dist_value 
_struct_conn.pdbx_value_order 
_struct_conn.pdbx_role 
disulf1 disulf ? ? A CYS 7  SG ? ? ? 1_555 A CYS 60 SG ? ? A CYS 7  A CYS 60 1_555 ? ? ? ? ? ? ? 1.944 ? ? 
disulf2 disulf ? ? A CYS 8  SG ? ? ? 1_555 A CYS 23 SG ? ? A CYS 8  A CYS 23 1_555 ? ? ? ? ? ? ? 1.980 ? ? 
disulf3 disulf ? ? A CYS 11 SG ? ? ? 1_555 A CYS 56 SG ? ? A CYS 11 A CYS 56 1_555 ? ? ? ? ? ? ? 2.076 ? ? 
disulf4 disulf ? ? A CYS 13 SG ? ? ? 1_555 A CYS 21 SG ? ? A CYS 13 A CYS 21 1_555 ? ? ? ? ? ? ? 2.025 ? ? 
disulf5 disulf ? ? A CYS 30 SG ? ? ? 1_555 A CYS 37 SG ? ? A CYS 30 A CYS 37 1_555 ? ? ? ? ? ? ? 1.920 ? ? 
disulf6 disulf ? ? A CYS 34 SG ? ? ? 1_555 A CYS 49 SG ? ? A CYS 34 A CYS 49 1_555 ? ? ? ? ? ? ? 1.992 ? ? 
disulf7 disulf ? ? A CYS 39 SG ? ? ? 1_555 A CYS 47 SG ? ? A CYS 39 A CYS 47 1_555 ? ? ? ? ? ? ? 2.008 ? ? 
# 
_struct_conn_type.id          disulf 
_struct_conn_type.criteria    ? 
_struct_conn_type.reference   ? 
# 
loop_
_pdbx_modification_feature.ordinal 
_pdbx_modification_feature.label_comp_id 
_pdbx_modification_feature.label_asym_id 
_pdbx_modification_feature.label_seq_id 
_pdbx_modification_feature.label_alt_id 
_pdbx_modification_feature.modified_residue_label_comp_id 
_pdbx_modification_feature.modified_residue_label_asym_id 
_pdbx_modification_feature.modified_residue_label_seq_id 
_pdbx_modification_feature.modified_residue_label_alt_id 
_pdbx_modification_feature.auth_comp_id 
_pdbx_modification_feature.auth_asym_id 
_pdbx_modification_feature.auth_seq_id 
_pdbx_modification_feature.PDB_ins_code 
_pdbx_modification_feature.symmetry 
_pdbx_modification_feature.modified_residue_auth_comp_id 
_pdbx_modification_feature.modified_residue_auth_asym_id 
_pdbx_modification_feature.modified_residue_auth_seq_id 
_pdbx_modification_feature.modified_residue_PDB_ins_code 
_pdbx_modification_feature.modified_residue_symmetry 
_pdbx_modification_feature.comp_id_linking_atom 
_pdbx_modification_feature.modified_residue_id_linking_atom 
_pdbx_modification_feature.modified_residue_id 
_pdbx_modification_feature.ref_pcm_id 
_pdbx_modification_feature.ref_comp_id 
_pdbx_modification_feature.type 
_pdbx_modification_feature.category 
1 CYS A 7  ? CYS A 60 ? CYS A 7  ? 1_555 CYS A 60 ? 1_555 SG SG . . . None 'Disulfide bridge' 
2 CYS A 8  ? CYS A 23 ? CYS A 8  ? 1_555 CYS A 23 ? 1_555 SG SG . . . None 'Disulfide bridge' 
3 CYS A 11 ? CYS A 56 ? CYS A 11 ? 1_555 CYS A 56 ? 1_555 SG SG . . . None 'Disulfide bridge' 
4 CYS A 13 ? CYS A 21 ? CYS A 13 ? 1_555 CYS A 21 ? 1_555 SG SG . . . None 'Disulfide bridge' 
5 CYS A 30 ? CYS A 37 ? CYS A 30 ? 1_555 CYS A 37 ? 1_555 SG SG . . . None 'Disulfide bridge' 
6 CYS A 34 ? CYS A 49 ? CYS A 34 ? 1_555 CYS A 49 ? 1_555 SG SG . . . None 'Disulfide bridge' 
7 CYS A 39 ? CYS A 47 ? CYS A 39 ? 1_555 CYS A 47 ? 1_555 SG SG . . . None 'Disulfide bridge' 
# 
loop_
_struct_mon_prot_cis.pdbx_id 
_struct_mon_prot_cis.label_comp_id 
_struct_mon_prot_cis.label_seq_id 
_struct_mon_prot_cis.label_asym_id 
_struct_mon_prot_cis.label_alt_id 
_struct_mon_prot_cis.pdbx_PDB_ins_code 
_struct_mon_prot_cis.auth_comp_id 
_struct_mon_prot_cis.auth_seq_id 
_struct_mon_prot_cis.auth_asym_id 
_struct_mon_prot_cis.pdbx_label_comp_id_2 
_struct_mon_prot_cis.pdbx_label_seq_id_2 
_struct_mon_prot_cis.pdbx_label_asym_id_2 
_struct_mon_prot_cis.pdbx_PDB_ins_code_2 
_struct_mon_prot_cis.pdbx_auth_comp_id_2 
_struct_mon_prot_cis.pdbx_auth_seq_id_2 
_struct_mon_prot_cis.pdbx_auth_asym_id_2 
_struct_mon_prot_cis.pdbx_PDB_model_num 
_struct_mon_prot_cis.pdbx_omega_angle 
1 MET 17 A . ? MET 17 A PRO 18 A ? PRO 18 A 1 -4.05 
2 GLN 43 A . ? GLN 43 A PRO 44 A ? PRO 44 A 1 0.11  
# 
loop_
_struct_sheet.id 
_struct_sheet.type 
_struct_sheet.number_strands 
_struct_sheet.details 
A ? 2 ? 
B ? 2 ? 
# 
loop_
_struct_sheet_order.sheet_id 
_struct_sheet_order.range_id_1 
_struct_sheet_order.range_id_2 
_struct_sheet_order.offset 
_struct_sheet_order.sense 
A 1 2 ? anti-parallel 
B 1 2 ? anti-parallel 
# 
loop_
_struct_sheet_range.sheet_id 
_struct_sheet_range.id 
_struct_sheet_range.beg_label_comp_id 
_struct_sheet_range.beg_label_asym_id 
_struct_sheet_range.beg_label_seq_id 
_struct_sheet_range.pdbx_beg_PDB_ins_code 
_struct_sheet_range.end_label_comp_id 
_struct_sheet_range.end_label_asym_id 
_struct_sheet_range.end_label_seq_id 
_struct_sheet_range.pdbx_end_PDB_ins_code 
_struct_sheet_range.beg_auth_comp_id 
_struct_sheet_range.beg_auth_asym_id 
_struct_sheet_range.beg_auth_seq_id 
_struct_sheet_range.end_auth_comp_id 
_struct_sheet_range.end_auth_asym_id 
_struct_sheet_range.end_auth_seq_id 
A 1 CYS A 11 ? ARG A 15 ? CYS A 11 ARG A 15 
A 2 GLN A 20 ? ILE A 27 ? GLN A 20 ILE A 27 
B 1 SER A 36 ? THR A 40 ? SER A 36 THR A 40 
B 2 GLN A 46 ? ASN A 53 ? GLN A 46 ASN A 53 
# 
_pdbx_entry_details.entry_id                   1PI2 
_pdbx_entry_details.compound_details           ? 
_pdbx_entry_details.source_details             ? 
_pdbx_entry_details.nonpolymer_details         ? 
_pdbx_entry_details.sequence_details           ? 
_pdbx_entry_details.has_ligand_of_interest     ? 
_pdbx_entry_details.has_protein_modification   Y 
# 
loop_
_pdbx_validate_symm_contact.id 
_pdbx_validate_symm_contact.PDB_model_num 
_pdbx_validate_symm_contact.auth_atom_id_1 
_pdbx_validate_symm_contact.auth_asym_id_1 
_pdbx_validate_symm_contact.auth_comp_id_1 
_pdbx_validate_symm_contact.auth_seq_id_1 
_pdbx_validate_symm_contact.PDB_ins_code_1 
_pdbx_validate_symm_contact.label_alt_id_1 
_pdbx_validate_symm_contact.site_symmetry_1 
_pdbx_validate_symm_contact.auth_atom_id_2 
_pdbx_validate_symm_contact.auth_asym_id_2 
_pdbx_validate_symm_contact.auth_comp_id_2 
_pdbx_validate_symm_contact.auth_seq_id_2 
_pdbx_validate_symm_contact.PDB_ins_code_2 
_pdbx_validate_symm_contact.label_alt_id_2 
_pdbx_validate_symm_contact.site_symmetry_2 
_pdbx_validate_symm_contact.dist 
1 1 N A GLN 43 ? ? 1_555 O A GLN 43 ? ? 19_555 1.66 
2 1 N A ARG 15 ? ? 1_555 O A CYS 37 ? ? 10_655 2.08 
# 
loop_
_pdbx_validate_rmsd_angle.id 
_pdbx_validate_rmsd_angle.PDB_model_num 
_pdbx_validate_rmsd_angle.auth_atom_id_1 
_pdbx_validate_rmsd_angle.auth_asym_id_1 
_pdbx_validate_rmsd_angle.auth_comp_id_1 
_pdbx_validate_rmsd_angle.auth_seq_id_1 
_pdbx_validate_rmsd_angle.PDB_ins_code_1 
_pdbx_validate_rmsd_angle.label_alt_id_1 
_pdbx_validate_rmsd_angle.auth_atom_id_2 
_pdbx_validate_rmsd_angle.auth_asym_id_2 
_pdbx_validate_rmsd_angle.auth_comp_id_2 
_pdbx_validate_rmsd_angle.auth_seq_id_2 
_pdbx_validate_rmsd_angle.PDB_ins_code_2 
_pdbx_validate_rmsd_angle.label_alt_id_2 
_pdbx_validate_rmsd_angle.auth_atom_id_3 
_pdbx_validate_rmsd_angle.auth_asym_id_3 
_pdbx_validate_rmsd_angle.auth_comp_id_3 
_pdbx_validate_rmsd_angle.auth_seq_id_3 
_pdbx_validate_rmsd_angle.PDB_ins_code_3 
_pdbx_validate_rmsd_angle.label_alt_id_3 
_pdbx_validate_rmsd_angle.angle_value 
_pdbx_validate_rmsd_angle.angle_target_value 
_pdbx_validate_rmsd_angle.angle_deviation 
_pdbx_validate_rmsd_angle.angle_standard_deviation 
_pdbx_validate_rmsd_angle.linker_flag 
1  1 CD A ARG 15 ? ? NE A ARG 15 ? ? CZ  A ARG 15 ? ? 132.70 123.60 9.10   1.40 N 
2  1 CA A CYS 21 ? ? CB A CYS 21 ? ? SG  A CYS 21 ? ? 122.98 114.20 8.78   1.10 N 
3  1 N  A CYS 23 ? ? CA A CYS 23 ? ? CB  A CYS 23 ? ? 95.29  110.60 -15.31 1.80 N 
4  1 N  A CYS 23 ? ? CA A CYS 23 ? ? C   A CYS 23 ? ? 130.94 111.00 19.94  2.70 N 
5  1 O  A CYS 23 ? ? C  A CYS 23 ? ? N   A GLU 24 ? ? 108.75 122.70 -13.95 1.60 Y 
6  1 C  A CYS 23 ? ? N  A GLU 24 ? ? CA  A GLU 24 ? ? 139.21 121.70 17.51  2.50 Y 
7  1 CB A GLU 24 ? ? CA A GLU 24 ? ? C   A GLU 24 ? ? 97.54  110.40 -12.86 2.00 N 
8  1 C  A GLU 24 ? ? N  A ASP 25 ? ? CA  A ASP 25 ? ? 139.73 121.70 18.03  2.50 Y 
9  1 CB A ASP 25 ? ? CG A ASP 25 ? ? OD1 A ASP 25 ? ? 130.10 118.30 11.80  0.90 N 
10 1 CB A ASP 25 ? ? CG A ASP 25 ? ? OD2 A ASP 25 ? ? 108.34 118.30 -9.96  0.90 N 
11 1 N  A ASP 25 ? ? CA A ASP 25 ? ? C   A ASP 25 ? ? 128.25 111.00 17.25  2.70 N 
12 1 NE A ARG 26 ? ? CZ A ARG 26 ? ? NH1 A ARG 26 ? ? 126.06 120.30 5.76   0.50 N 
13 1 NE A ARG 26 ? ? CZ A ARG 26 ? ? NH2 A ARG 26 ? ? 116.60 120.30 -3.70  0.50 N 
14 1 CD A ARG 41 ? ? NE A ARG 41 ? ? CZ  A ARG 41 ? ? 134.21 123.60 10.61  1.40 N 
15 1 NE A ARG 41 ? ? CZ A ARG 41 ? ? NH1 A ARG 41 ? ? 125.11 120.30 4.81   0.50 N 
# 
loop_
_pdbx_validate_torsion.id 
_pdbx_validate_torsion.PDB_model_num 
_pdbx_validate_torsion.auth_comp_id 
_pdbx_validate_torsion.auth_asym_id 
_pdbx_validate_torsion.auth_seq_id 
_pdbx_validate_torsion.PDB_ins_code 
_pdbx_validate_torsion.label_alt_id 
_pdbx_validate_torsion.phi 
_pdbx_validate_torsion.psi 
1 1 ARG A 15 ? ? -79.23  33.62   
2 1 CYS A 23 ? ? -131.29 -129.51 
3 1 ASN A 28 ? ? 77.09   -34.88  
4 1 SER A 62 ? ? -179.14 -64.08  
# 
loop_
_pdbx_unobs_or_zero_occ_residues.id 
_pdbx_unobs_or_zero_occ_residues.PDB_model_num 
_pdbx_unobs_or_zero_occ_residues.polymer_flag 
_pdbx_unobs_or_zero_occ_residues.occupancy_flag 
_pdbx_unobs_or_zero_occ_residues.auth_asym_id 
_pdbx_unobs_or_zero_occ_residues.auth_comp_id 
_pdbx_unobs_or_zero_occ_residues.auth_seq_id 
_pdbx_unobs_or_zero_occ_residues.PDB_ins_code 
_pdbx_unobs_or_zero_occ_residues.label_asym_id 
_pdbx_unobs_or_zero_occ_residues.label_comp_id 
_pdbx_unobs_or_zero_occ_residues.label_seq_id 
1 1 Y 1 A ASP 1 ? A ASP 1 
2 1 Y 1 A GLU 2 ? A GLU 2 
# 
loop_
_chem_comp_atom.comp_id 
_chem_comp_atom.atom_id 
_chem_comp_atom.type_symbol 
_chem_comp_atom.pdbx_aromatic_flag 
_chem_comp_atom.pdbx_stereo_config 
_chem_comp_atom.pdbx_ordinal 
ARG N    N N N 1   
ARG CA   C N S 2   
ARG C    C N N 3   
ARG O    O N N 4   
ARG CB   C N N 5   
ARG CG   C N N 6   
ARG CD   C N N 7   
ARG NE   N N N 8   
ARG CZ   C N N 9   
ARG NH1  N N N 10  
ARG NH2  N N N 11  
ARG OXT  O N N 12  
ARG H    H N N 13  
ARG H2   H N N 14  
ARG HA   H N N 15  
ARG HB2  H N N 16  
ARG HB3  H N N 17  
ARG HG2  H N N 18  
ARG HG3  H N N 19  
ARG HD2  H N N 20  
ARG HD3  H N N 21  
ARG HE   H N N 22  
ARG HH11 H N N 23  
ARG HH12 H N N 24  
ARG HH21 H N N 25  
ARG HH22 H N N 26  
ARG HXT  H N N 27  
ASN N    N N N 28  
ASN CA   C N S 29  
ASN C    C N N 30  
ASN O    O N N 31  
ASN CB   C N N 32  
ASN CG   C N N 33  
ASN OD1  O N N 34  
ASN ND2  N N N 35  
ASN OXT  O N N 36  
ASN H    H N N 37  
ASN H2   H N N 38  
ASN HA   H N N 39  
ASN HB2  H N N 40  
ASN HB3  H N N 41  
ASN HD21 H N N 42  
ASN HD22 H N N 43  
ASN HXT  H N N 44  
ASP N    N N N 45  
ASP CA   C N S 46  
ASP C    C N N 47  
ASP O    O N N 48  
ASP CB   C N N 49  
ASP CG   C N N 50  
ASP OD1  O N N 51  
ASP OD2  O N N 52  
ASP OXT  O N N 53  
ASP H    H N N 54  
ASP H2   H N N 55  
ASP HA   H N N 56  
ASP HB2  H N N 57  
ASP HB3  H N N 58  
ASP HD2  H N N 59  
ASP HXT  H N N 60  
CYS N    N N N 61  
CYS CA   C N R 62  
CYS C    C N N 63  
CYS O    O N N 64  
CYS CB   C N N 65  
CYS SG   S N N 66  
CYS OXT  O N N 67  
CYS H    H N N 68  
CYS H2   H N N 69  
CYS HA   H N N 70  
CYS HB2  H N N 71  
CYS HB3  H N N 72  
CYS HG   H N N 73  
CYS HXT  H N N 74  
GLN N    N N N 75  
GLN CA   C N S 76  
GLN C    C N N 77  
GLN O    O N N 78  
GLN CB   C N N 79  
GLN CG   C N N 80  
GLN CD   C N N 81  
GLN OE1  O N N 82  
GLN NE2  N N N 83  
GLN OXT  O N N 84  
GLN H    H N N 85  
GLN H2   H N N 86  
GLN HA   H N N 87  
GLN HB2  H N N 88  
GLN HB3  H N N 89  
GLN HG2  H N N 90  
GLN HG3  H N N 91  
GLN HE21 H N N 92  
GLN HE22 H N N 93  
GLN HXT  H N N 94  
GLU N    N N N 95  
GLU CA   C N S 96  
GLU C    C N N 97  
GLU O    O N N 98  
GLU CB   C N N 99  
GLU CG   C N N 100 
GLU CD   C N N 101 
GLU OE1  O N N 102 
GLU OE2  O N N 103 
GLU OXT  O N N 104 
GLU H    H N N 105 
GLU H2   H N N 106 
GLU HA   H N N 107 
GLU HB2  H N N 108 
GLU HB3  H N N 109 
GLU HG2  H N N 110 
GLU HG3  H N N 111 
GLU HE2  H N N 112 
GLU HXT  H N N 113 
GLY N    N N N 114 
GLY CA   C N N 115 
GLY C    C N N 116 
GLY O    O N N 117 
GLY OXT  O N N 118 
GLY H    H N N 119 
GLY H2   H N N 120 
GLY HA2  H N N 121 
GLY HA3  H N N 122 
GLY HXT  H N N 123 
HIS N    N N N 124 
HIS CA   C N S 125 
HIS C    C N N 126 
HIS O    O N N 127 
HIS CB   C N N 128 
HIS CG   C Y N 129 
HIS ND1  N Y N 130 
HIS CD2  C Y N 131 
HIS CE1  C Y N 132 
HIS NE2  N Y N 133 
HIS OXT  O N N 134 
HIS H    H N N 135 
HIS H2   H N N 136 
HIS HA   H N N 137 
HIS HB2  H N N 138 
HIS HB3  H N N 139 
HIS HD1  H N N 140 
HIS HD2  H N N 141 
HIS HE1  H N N 142 
HIS HE2  H N N 143 
HIS HXT  H N N 144 
ILE N    N N N 145 
ILE CA   C N S 146 
ILE C    C N N 147 
ILE O    O N N 148 
ILE CB   C N S 149 
ILE CG1  C N N 150 
ILE CG2  C N N 151 
ILE CD1  C N N 152 
ILE OXT  O N N 153 
ILE H    H N N 154 
ILE H2   H N N 155 
ILE HA   H N N 156 
ILE HB   H N N 157 
ILE HG12 H N N 158 
ILE HG13 H N N 159 
ILE HG21 H N N 160 
ILE HG22 H N N 161 
ILE HG23 H N N 162 
ILE HD11 H N N 163 
ILE HD12 H N N 164 
ILE HD13 H N N 165 
ILE HXT  H N N 166 
LEU N    N N N 167 
LEU CA   C N S 168 
LEU C    C N N 169 
LEU O    O N N 170 
LEU CB   C N N 171 
LEU CG   C N N 172 
LEU CD1  C N N 173 
LEU CD2  C N N 174 
LEU OXT  O N N 175 
LEU H    H N N 176 
LEU H2   H N N 177 
LEU HA   H N N 178 
LEU HB2  H N N 179 
LEU HB3  H N N 180 
LEU HG   H N N 181 
LEU HD11 H N N 182 
LEU HD12 H N N 183 
LEU HD13 H N N 184 
LEU HD21 H N N 185 
LEU HD22 H N N 186 
LEU HD23 H N N 187 
LEU HXT  H N N 188 
LYS N    N N N 189 
LYS CA   C N S 190 
LYS C    C N N 191 
LYS O    O N N 192 
LYS CB   C N N 193 
LYS CG   C N N 194 
LYS CD   C N N 195 
LYS CE   C N N 196 
LYS NZ   N N N 197 
LYS OXT  O N N 198 
LYS H    H N N 199 
LYS H2   H N N 200 
LYS HA   H N N 201 
LYS HB2  H N N 202 
LYS HB3  H N N 203 
LYS HG2  H N N 204 
LYS HG3  H N N 205 
LYS HD2  H N N 206 
LYS HD3  H N N 207 
LYS HE2  H N N 208 
LYS HE3  H N N 209 
LYS HZ1  H N N 210 
LYS HZ2  H N N 211 
LYS HZ3  H N N 212 
LYS HXT  H N N 213 
MET N    N N N 214 
MET CA   C N S 215 
MET C    C N N 216 
MET O    O N N 217 
MET CB   C N N 218 
MET CG   C N N 219 
MET SD   S N N 220 
MET CE   C N N 221 
MET OXT  O N N 222 
MET H    H N N 223 
MET H2   H N N 224 
MET HA   H N N 225 
MET HB2  H N N 226 
MET HB3  H N N 227 
MET HG2  H N N 228 
MET HG3  H N N 229 
MET HE1  H N N 230 
MET HE2  H N N 231 
MET HE3  H N N 232 
MET HXT  H N N 233 
PHE N    N N N 234 
PHE CA   C N S 235 
PHE C    C N N 236 
PHE O    O N N 237 
PHE CB   C N N 238 
PHE CG   C Y N 239 
PHE CD1  C Y N 240 
PHE CD2  C Y N 241 
PHE CE1  C Y N 242 
PHE CE2  C Y N 243 
PHE CZ   C Y N 244 
PHE OXT  O N N 245 
PHE H    H N N 246 
PHE H2   H N N 247 
PHE HA   H N N 248 
PHE HB2  H N N 249 
PHE HB3  H N N 250 
PHE HD1  H N N 251 
PHE HD2  H N N 252 
PHE HE1  H N N 253 
PHE HE2  H N N 254 
PHE HZ   H N N 255 
PHE HXT  H N N 256 
PRO N    N N N 257 
PRO CA   C N S 258 
PRO C    C N N 259 
PRO O    O N N 260 
PRO CB   C N N 261 
PRO CG   C N N 262 
PRO CD   C N N 263 
PRO OXT  O N N 264 
PRO H    H N N 265 
PRO HA   H N N 266 
PRO HB2  H N N 267 
PRO HB3  H N N 268 
PRO HG2  H N N 269 
PRO HG3  H N N 270 
PRO HD2  H N N 271 
PRO HD3  H N N 272 
PRO HXT  H N N 273 
SER N    N N N 274 
SER CA   C N S 275 
SER C    C N N 276 
SER O    O N N 277 
SER CB   C N N 278 
SER OG   O N N 279 
SER OXT  O N N 280 
SER H    H N N 281 
SER H2   H N N 282 
SER HA   H N N 283 
SER HB2  H N N 284 
SER HB3  H N N 285 
SER HG   H N N 286 
SER HXT  H N N 287 
THR N    N N N 288 
THR CA   C N S 289 
THR C    C N N 290 
THR O    O N N 291 
THR CB   C N R 292 
THR OG1  O N N 293 
THR CG2  C N N 294 
THR OXT  O N N 295 
THR H    H N N 296 
THR H2   H N N 297 
THR HA   H N N 298 
THR HB   H N N 299 
THR HG1  H N N 300 
THR HG21 H N N 301 
THR HG22 H N N 302 
THR HG23 H N N 303 
THR HXT  H N N 304 
TYR N    N N N 305 
TYR CA   C N S 306 
TYR C    C N N 307 
TYR O    O N N 308 
TYR CB   C N N 309 
TYR CG   C Y N 310 
TYR CD1  C Y N 311 
TYR CD2  C Y N 312 
TYR CE1  C Y N 313 
TYR CE2  C Y N 314 
TYR CZ   C Y N 315 
TYR OH   O N N 316 
TYR OXT  O N N 317 
TYR H    H N N 318 
TYR H2   H N N 319 
TYR HA   H N N 320 
TYR HB2  H N N 321 
TYR HB3  H N N 322 
TYR HD1  H N N 323 
TYR HD2  H N N 324 
TYR HE1  H N N 325 
TYR HE2  H N N 326 
TYR HH   H N N 327 
TYR HXT  H N N 328 
# 
loop_
_chem_comp_bond.comp_id 
_chem_comp_bond.atom_id_1 
_chem_comp_bond.atom_id_2 
_chem_comp_bond.value_order 
_chem_comp_bond.pdbx_aromatic_flag 
_chem_comp_bond.pdbx_stereo_config 
_chem_comp_bond.pdbx_ordinal 
ARG N   CA   sing N N 1   
ARG N   H    sing N N 2   
ARG N   H2   sing N N 3   
ARG CA  C    sing N N 4   
ARG CA  CB   sing N N 5   
ARG CA  HA   sing N N 6   
ARG C   O    doub N N 7   
ARG C   OXT  sing N N 8   
ARG CB  CG   sing N N 9   
ARG CB  HB2  sing N N 10  
ARG CB  HB3  sing N N 11  
ARG CG  CD   sing N N 12  
ARG CG  HG2  sing N N 13  
ARG CG  HG3  sing N N 14  
ARG CD  NE   sing N N 15  
ARG CD  HD2  sing N N 16  
ARG CD  HD3  sing N N 17  
ARG NE  CZ   sing N N 18  
ARG NE  HE   sing N N 19  
ARG CZ  NH1  sing N N 20  
ARG CZ  NH2  doub N N 21  
ARG NH1 HH11 sing N N 22  
ARG NH1 HH12 sing N N 23  
ARG NH2 HH21 sing N N 24  
ARG NH2 HH22 sing N N 25  
ARG OXT HXT  sing N N 26  
ASN N   CA   sing N N 27  
ASN N   H    sing N N 28  
ASN N   H2   sing N N 29  
ASN CA  C    sing N N 30  
ASN CA  CB   sing N N 31  
ASN CA  HA   sing N N 32  
ASN C   O    doub N N 33  
ASN C   OXT  sing N N 34  
ASN CB  CG   sing N N 35  
ASN CB  HB2  sing N N 36  
ASN CB  HB3  sing N N 37  
ASN CG  OD1  doub N N 38  
ASN CG  ND2  sing N N 39  
ASN ND2 HD21 sing N N 40  
ASN ND2 HD22 sing N N 41  
ASN OXT HXT  sing N N 42  
ASP N   CA   sing N N 43  
ASP N   H    sing N N 44  
ASP N   H2   sing N N 45  
ASP CA  C    sing N N 46  
ASP CA  CB   sing N N 47  
ASP CA  HA   sing N N 48  
ASP C   O    doub N N 49  
ASP C   OXT  sing N N 50  
ASP CB  CG   sing N N 51  
ASP CB  HB2  sing N N 52  
ASP CB  HB3  sing N N 53  
ASP CG  OD1  doub N N 54  
ASP CG  OD2  sing N N 55  
ASP OD2 HD2  sing N N 56  
ASP OXT HXT  sing N N 57  
CYS N   CA   sing N N 58  
CYS N   H    sing N N 59  
CYS N   H2   sing N N 60  
CYS CA  C    sing N N 61  
CYS CA  CB   sing N N 62  
CYS CA  HA   sing N N 63  
CYS C   O    doub N N 64  
CYS C   OXT  sing N N 65  
CYS CB  SG   sing N N 66  
CYS CB  HB2  sing N N 67  
CYS CB  HB3  sing N N 68  
CYS SG  HG   sing N N 69  
CYS OXT HXT  sing N N 70  
GLN N   CA   sing N N 71  
GLN N   H    sing N N 72  
GLN N   H2   sing N N 73  
GLN CA  C    sing N N 74  
GLN CA  CB   sing N N 75  
GLN CA  HA   sing N N 76  
GLN C   O    doub N N 77  
GLN C   OXT  sing N N 78  
GLN CB  CG   sing N N 79  
GLN CB  HB2  sing N N 80  
GLN CB  HB3  sing N N 81  
GLN CG  CD   sing N N 82  
GLN CG  HG2  sing N N 83  
GLN CG  HG3  sing N N 84  
GLN CD  OE1  doub N N 85  
GLN CD  NE2  sing N N 86  
GLN NE2 HE21 sing N N 87  
GLN NE2 HE22 sing N N 88  
GLN OXT HXT  sing N N 89  
GLU N   CA   sing N N 90  
GLU N   H    sing N N 91  
GLU N   H2   sing N N 92  
GLU CA  C    sing N N 93  
GLU CA  CB   sing N N 94  
GLU CA  HA   sing N N 95  
GLU C   O    doub N N 96  
GLU C   OXT  sing N N 97  
GLU CB  CG   sing N N 98  
GLU CB  HB2  sing N N 99  
GLU CB  HB3  sing N N 100 
GLU CG  CD   sing N N 101 
GLU CG  HG2  sing N N 102 
GLU CG  HG3  sing N N 103 
GLU CD  OE1  doub N N 104 
GLU CD  OE2  sing N N 105 
GLU OE2 HE2  sing N N 106 
GLU OXT HXT  sing N N 107 
GLY N   CA   sing N N 108 
GLY N   H    sing N N 109 
GLY N   H2   sing N N 110 
GLY CA  C    sing N N 111 
GLY CA  HA2  sing N N 112 
GLY CA  HA3  sing N N 113 
GLY C   O    doub N N 114 
GLY C   OXT  sing N N 115 
GLY OXT HXT  sing N N 116 
HIS N   CA   sing N N 117 
HIS N   H    sing N N 118 
HIS N   H2   sing N N 119 
HIS CA  C    sing N N 120 
HIS CA  CB   sing N N 121 
HIS CA  HA   sing N N 122 
HIS C   O    doub N N 123 
HIS C   OXT  sing N N 124 
HIS CB  CG   sing N N 125 
HIS CB  HB2  sing N N 126 
HIS CB  HB3  sing N N 127 
HIS CG  ND1  sing Y N 128 
HIS CG  CD2  doub Y N 129 
HIS ND1 CE1  doub Y N 130 
HIS ND1 HD1  sing N N 131 
HIS CD2 NE2  sing Y N 132 
HIS CD2 HD2  sing N N 133 
HIS CE1 NE2  sing Y N 134 
HIS CE1 HE1  sing N N 135 
HIS NE2 HE2  sing N N 136 
HIS OXT HXT  sing N N 137 
ILE N   CA   sing N N 138 
ILE N   H    sing N N 139 
ILE N   H2   sing N N 140 
ILE CA  C    sing N N 141 
ILE CA  CB   sing N N 142 
ILE CA  HA   sing N N 143 
ILE C   O    doub N N 144 
ILE C   OXT  sing N N 145 
ILE CB  CG1  sing N N 146 
ILE CB  CG2  sing N N 147 
ILE CB  HB   sing N N 148 
ILE CG1 CD1  sing N N 149 
ILE CG1 HG12 sing N N 150 
ILE CG1 HG13 sing N N 151 
ILE CG2 HG21 sing N N 152 
ILE CG2 HG22 sing N N 153 
ILE CG2 HG23 sing N N 154 
ILE CD1 HD11 sing N N 155 
ILE CD1 HD12 sing N N 156 
ILE CD1 HD13 sing N N 157 
ILE OXT HXT  sing N N 158 
LEU N   CA   sing N N 159 
LEU N   H    sing N N 160 
LEU N   H2   sing N N 161 
LEU CA  C    sing N N 162 
LEU CA  CB   sing N N 163 
LEU CA  HA   sing N N 164 
LEU C   O    doub N N 165 
LEU C   OXT  sing N N 166 
LEU CB  CG   sing N N 167 
LEU CB  HB2  sing N N 168 
LEU CB  HB3  sing N N 169 
LEU CG  CD1  sing N N 170 
LEU CG  CD2  sing N N 171 
LEU CG  HG   sing N N 172 
LEU CD1 HD11 sing N N 173 
LEU CD1 HD12 sing N N 174 
LEU CD1 HD13 sing N N 175 
LEU CD2 HD21 sing N N 176 
LEU CD2 HD22 sing N N 177 
LEU CD2 HD23 sing N N 178 
LEU OXT HXT  sing N N 179 
LYS N   CA   sing N N 180 
LYS N   H    sing N N 181 
LYS N   H2   sing N N 182 
LYS CA  C    sing N N 183 
LYS CA  CB   sing N N 184 
LYS CA  HA   sing N N 185 
LYS C   O    doub N N 186 
LYS C   OXT  sing N N 187 
LYS CB  CG   sing N N 188 
LYS CB  HB2  sing N N 189 
LYS CB  HB3  sing N N 190 
LYS CG  CD   sing N N 191 
LYS CG  HG2  sing N N 192 
LYS CG  HG3  sing N N 193 
LYS CD  CE   sing N N 194 
LYS CD  HD2  sing N N 195 
LYS CD  HD3  sing N N 196 
LYS CE  NZ   sing N N 197 
LYS CE  HE2  sing N N 198 
LYS CE  HE3  sing N N 199 
LYS NZ  HZ1  sing N N 200 
LYS NZ  HZ2  sing N N 201 
LYS NZ  HZ3  sing N N 202 
LYS OXT HXT  sing N N 203 
MET N   CA   sing N N 204 
MET N   H    sing N N 205 
MET N   H2   sing N N 206 
MET CA  C    sing N N 207 
MET CA  CB   sing N N 208 
MET CA  HA   sing N N 209 
MET C   O    doub N N 210 
MET C   OXT  sing N N 211 
MET CB  CG   sing N N 212 
MET CB  HB2  sing N N 213 
MET CB  HB3  sing N N 214 
MET CG  SD   sing N N 215 
MET CG  HG2  sing N N 216 
MET CG  HG3  sing N N 217 
MET SD  CE   sing N N 218 
MET CE  HE1  sing N N 219 
MET CE  HE2  sing N N 220 
MET CE  HE3  sing N N 221 
MET OXT HXT  sing N N 222 
PHE N   CA   sing N N 223 
PHE N   H    sing N N 224 
PHE N   H2   sing N N 225 
PHE CA  C    sing N N 226 
PHE CA  CB   sing N N 227 
PHE CA  HA   sing N N 228 
PHE C   O    doub N N 229 
PHE C   OXT  sing N N 230 
PHE CB  CG   sing N N 231 
PHE CB  HB2  sing N N 232 
PHE CB  HB3  sing N N 233 
PHE CG  CD1  doub Y N 234 
PHE CG  CD2  sing Y N 235 
PHE CD1 CE1  sing Y N 236 
PHE CD1 HD1  sing N N 237 
PHE CD2 CE2  doub Y N 238 
PHE CD2 HD2  sing N N 239 
PHE CE1 CZ   doub Y N 240 
PHE CE1 HE1  sing N N 241 
PHE CE2 CZ   sing Y N 242 
PHE CE2 HE2  sing N N 243 
PHE CZ  HZ   sing N N 244 
PHE OXT HXT  sing N N 245 
PRO N   CA   sing N N 246 
PRO N   CD   sing N N 247 
PRO N   H    sing N N 248 
PRO CA  C    sing N N 249 
PRO CA  CB   sing N N 250 
PRO CA  HA   sing N N 251 
PRO C   O    doub N N 252 
PRO C   OXT  sing N N 253 
PRO CB  CG   sing N N 254 
PRO CB  HB2  sing N N 255 
PRO CB  HB3  sing N N 256 
PRO CG  CD   sing N N 257 
PRO CG  HG2  sing N N 258 
PRO CG  HG3  sing N N 259 
PRO CD  HD2  sing N N 260 
PRO CD  HD3  sing N N 261 
PRO OXT HXT  sing N N 262 
SER N   CA   sing N N 263 
SER N   H    sing N N 264 
SER N   H2   sing N N 265 
SER CA  C    sing N N 266 
SER CA  CB   sing N N 267 
SER CA  HA   sing N N 268 
SER C   O    doub N N 269 
SER C   OXT  sing N N 270 
SER CB  OG   sing N N 271 
SER CB  HB2  sing N N 272 
SER CB  HB3  sing N N 273 
SER OG  HG   sing N N 274 
SER OXT HXT  sing N N 275 
THR N   CA   sing N N 276 
THR N   H    sing N N 277 
THR N   H2   sing N N 278 
THR CA  C    sing N N 279 
THR CA  CB   sing N N 280 
THR CA  HA   sing N N 281 
THR C   O    doub N N 282 
THR C   OXT  sing N N 283 
THR CB  OG1  sing N N 284 
THR CB  CG2  sing N N 285 
THR CB  HB   sing N N 286 
THR OG1 HG1  sing N N 287 
THR CG2 HG21 sing N N 288 
THR CG2 HG22 sing N N 289 
THR CG2 HG23 sing N N 290 
THR OXT HXT  sing N N 291 
TYR N   CA   sing N N 292 
TYR N   H    sing N N 293 
TYR N   H2   sing N N 294 
TYR CA  C    sing N N 295 
TYR CA  CB   sing N N 296 
TYR CA  HA   sing N N 297 
TYR C   O    doub N N 298 
TYR C   OXT  sing N N 299 
TYR CB  CG   sing N N 300 
TYR CB  HB2  sing N N 301 
TYR CB  HB3  sing N N 302 
TYR CG  CD1  doub Y N 303 
TYR CG  CD2  sing Y N 304 
TYR CD1 CE1  sing Y N 305 
TYR CD1 HD1  sing N N 306 
TYR CD2 CE2  doub Y N 307 
TYR CD2 HD2  sing N N 308 
TYR CE1 CZ   doub Y N 309 
TYR CE1 HE1  sing N N 310 
TYR CE2 CZ   sing Y N 311 
TYR CE2 HE2  sing N N 312 
TYR CZ  OH   sing N N 313 
TYR OH  HH   sing N N 314 
TYR OXT HXT  sing N N 315 
# 
_atom_sites.entry_id                    1PI2 
_atom_sites.fract_transf_matrix[1][1]   -0.01049100 
_atom_sites.fract_transf_matrix[1][2]   0.00123313 
_atom_sites.fract_transf_matrix[1][3]   0.00346176 
_atom_sites.fract_transf_matrix[2][1]   -0.00175678 
_atom_sites.fract_transf_matrix[2][2]   0.00751447 
_atom_sites.fract_transf_matrix[2][3]   -0.00800074 
_atom_sites.fract_transf_matrix[3][1]   -0.00322771 
_atom_sites.fract_transf_matrix[3][2]   -0.00809800 
_atom_sites.fract_transf_matrix[3][3]   -0.00689708 
_atom_sites.fract_transf_vector[1]      0.421009 
_atom_sites.fract_transf_vector[2]      0.696386 
_atom_sites.fract_transf_vector[3]      0.295458 
# 
_atom_sites_footnote.id     1 
_atom_sites_footnote.text   'RESIDUES 18 AND 44 ARE CIS-PROLINES.' 
# 
loop_
_atom_type.symbol 
C 
N 
O 
S 
# 
loop_
_atom_site.group_PDB 
_atom_site.id 
_atom_site.type_symbol 
_atom_site.label_atom_id 
_atom_site.label_alt_id 
_atom_site.label_comp_id 
_atom_site.label_asym_id 
_atom_site.label_entity_id 
_atom_site.label_seq_id 
_atom_site.pdbx_PDB_ins_code 
_atom_site.Cartn_x 
_atom_site.Cartn_y 
_atom_site.Cartn_z 
_atom_site.occupancy 
_atom_site.B_iso_or_equiv 
_atom_site.pdbx_formal_charge 
_atom_site.auth_seq_id 
_atom_site.auth_comp_id 
_atom_site.auth_asym_id 
_atom_site.auth_atom_id 
_atom_site.pdbx_PDB_model_num 
ATOM 1   N N   . TYR A 1 3  ? -9.961  -7.410  3.850   1.00 15.00 ? 3  TYR A N   1 
ATOM 2   C CA  . TYR A 1 3  ? -10.302 -8.313  2.701   1.00 15.00 ? 3  TYR A CA  1 
ATOM 3   C C   . TYR A 1 3  ? -9.050  -8.341  1.770   1.00 15.00 ? 3  TYR A C   1 
ATOM 4   O O   . TYR A 1 3  ? -7.965  -7.849  2.198   1.00 15.00 ? 3  TYR A O   1 
ATOM 5   C CB  . TYR A 1 3  ? -11.588 -7.855  1.915   1.00 15.00 ? 3  TYR A CB  1 
ATOM 6   C CG  . TYR A 1 3  ? -11.683 -6.320  1.683   1.00 15.00 ? 3  TYR A CG  1 
ATOM 7   C CD1 . TYR A 1 3  ? -10.585 -5.592  1.124   1.00 15.00 ? 3  TYR A CD1 1 
ATOM 8   C CD2 . TYR A 1 3  ? -12.852 -5.585  2.043   1.00 15.00 ? 3  TYR A CD2 1 
ATOM 9   C CE1 . TYR A 1 3  ? -10.634 -4.188  0.925   1.00 15.00 ? 3  TYR A CE1 1 
ATOM 10  C CE2 . TYR A 1 3  ? -12.919 -4.176  1.850   1.00 15.00 ? 3  TYR A CE2 1 
ATOM 11  C CZ  . TYR A 1 3  ? -11.801 -3.480  1.289   1.00 15.00 ? 3  TYR A CZ  1 
ATOM 12  O OH  . TYR A 1 3  ? -11.825 -2.100  1.098   1.00 15.00 ? 3  TYR A OH  1 
ATOM 13  N N   . SER A 1 4  ? -9.275  -8.831  0.540   1.00 15.00 ? 4  SER A N   1 
ATOM 14  C CA  . SER A 1 4  ? -8.208  -8.938  -0.519  1.00 15.00 ? 4  SER A CA  1 
ATOM 15  C C   . SER A 1 4  ? -8.226  -7.671  -1.458  1.00 15.00 ? 4  SER A C   1 
ATOM 16  O O   . SER A 1 4  ? -7.190  -7.400  -2.155  1.00 15.00 ? 4  SER A O   1 
ATOM 17  C CB  . SER A 1 4  ? -8.339  -10.260 -1.336  1.00 15.00 ? 4  SER A CB  1 
ATOM 18  O OG  . SER A 1 4  ? -9.013  -11.370 -0.681  1.00 15.00 ? 4  SER A OG  1 
ATOM 19  N N   . LYS A 1 5  ? -9.372  -6.947  -1.443  1.00 15.00 ? 5  LYS A N   1 
ATOM 20  C CA  . LYS A 1 5  ? -9.599  -5.715  -2.251  1.00 15.00 ? 5  LYS A CA  1 
ATOM 21  C C   . LYS A 1 5  ? -8.592  -4.597  -1.817  1.00 15.00 ? 5  LYS A C   1 
ATOM 22  O O   . LYS A 1 5  ? -8.192  -4.541  -0.606  1.00 15.00 ? 5  LYS A O   1 
ATOM 23  C CB  . LYS A 1 5  ? -11.031 -5.124  -2.150  1.00 15.00 ? 5  LYS A CB  1 
ATOM 24  C CG  . LYS A 1 5  ? -12.137 -5.989  -2.844  1.00 15.00 ? 5  LYS A CG  1 
ATOM 25  C CD  . LYS A 1 5  ? -13.522 -5.254  -2.934  1.00 15.00 ? 5  LYS A CD  1 
ATOM 26  C CE  . LYS A 1 5  ? -14.542 -5.981  -3.881  1.00 15.00 ? 5  LYS A CE  1 
ATOM 27  N NZ  . LYS A 1 5  ? -15.949 -5.491  -3.477  1.00 15.00 ? 5  LYS A NZ  1 
ATOM 28  N N   . PRO A 1 6  ? -8.223  -3.772  -2.849  1.00 15.00 ? 6  PRO A N   1 
ATOM 29  C CA  . PRO A 1 6  ? -7.215  -2.663  -2.688  1.00 15.00 ? 6  PRO A CA  1 
ATOM 30  C C   . PRO A 1 6  ? -7.851  -1.309  -2.255  1.00 15.00 ? 6  PRO A C   1 
ATOM 31  O O   . PRO A 1 6  ? -8.826  -0.739  -2.856  1.00 15.00 ? 6  PRO A O   1 
ATOM 32  C CB  . PRO A 1 6  ? -6.485  -2.654  -4.065  1.00 15.00 ? 6  PRO A CB  1 
ATOM 33  C CG  . PRO A 1 6  ? -7.336  -3.444  -5.060  1.00 15.00 ? 6  PRO A CG  1 
ATOM 34  C CD  . PRO A 1 6  ? -8.642  -3.851  -4.290  1.00 15.00 ? 6  PRO A CD  1 
ATOM 35  N N   . CYS A 1 7  ? -7.313  -0.777  -1.137  1.00 15.00 ? 7  CYS A N   1 
ATOM 36  C CA  . CYS A 1 7  ? -7.644  0.474   -0.418  1.00 15.00 ? 7  CYS A CA  1 
ATOM 37  C C   . CYS A 1 7  ? -6.277  1.002   0.169   1.00 15.00 ? 7  CYS A C   1 
ATOM 38  O O   . CYS A 1 7  ? -5.277  0.212   0.054   1.00 15.00 ? 7  CYS A O   1 
ATOM 39  C CB  . CYS A 1 7  ? -8.651  0.266   0.756   1.00 15.00 ? 7  CYS A CB  1 
ATOM 40  S SG  . CYS A 1 7  ? -8.143  -0.943  2.055   1.00 15.00 ? 7  CYS A SG  1 
ATOM 41  N N   . CYS A 1 8  ? -6.269  2.189   0.764   1.00 15.00 ? 8  CYS A N   1 
ATOM 42  C CA  . CYS A 1 8  ? -5.058  2.783   1.405   1.00 15.00 ? 8  CYS A CA  1 
ATOM 43  C C   . CYS A 1 8  ? -5.511  3.893   2.413   1.00 15.00 ? 8  CYS A C   1 
ATOM 44  O O   . CYS A 1 8  ? -6.232  4.822   1.886   1.00 15.00 ? 8  CYS A O   1 
ATOM 45  C CB  . CYS A 1 8  ? -4.102  3.482   0.402   1.00 15.00 ? 8  CYS A CB  1 
ATOM 46  S SG  . CYS A 1 8  ? -2.581  4.106   1.278   1.00 15.00 ? 8  CYS A SG  1 
ATOM 47  N N   . ASP A 1 9  ? -5.062  3.841   3.664   1.00 15.00 ? 9  ASP A N   1 
ATOM 48  C CA  . ASP A 1 9  ? -5.426  4.850   4.691   1.00 15.00 ? 9  ASP A CA  1 
ATOM 49  C C   . ASP A 1 9  ? -4.477  6.091   4.679   1.00 15.00 ? 9  ASP A C   1 
ATOM 50  O O   . ASP A 1 9  ? -4.996  7.256   4.793   1.00 15.00 ? 9  ASP A O   1 
ATOM 51  C CB  . ASP A 1 9  ? -5.507  4.295   6.181   1.00 15.00 ? 9  ASP A CB  1 
ATOM 52  C CG  . ASP A 1 9  ? -6.823  3.545   6.468   1.00 15.00 ? 9  ASP A CG  1 
ATOM 53  O OD1 . ASP A 1 9  ? -7.663  3.460   5.505   1.00 15.00 ? 9  ASP A OD1 1 
ATOM 54  O OD2 . ASP A 1 9  ? -7.044  2.981   7.580   1.00 15.00 ? 9  ASP A OD2 1 
ATOM 55  N N   . LEU A 1 10 ? -3.170  5.791   4.617   1.00 15.00 ? 10 LEU A N   1 
ATOM 56  C CA  . LEU A 1 10 ? -2.126  6.901   4.618   1.00 15.00 ? 10 LEU A CA  1 
ATOM 57  C C   . LEU A 1 10 ? -1.457  6.898   3.228   1.00 15.00 ? 10 LEU A C   1 
ATOM 58  O O   . LEU A 1 10 ? -0.765  5.877   3.052   1.00 15.00 ? 10 LEU A O   1 
ATOM 59  C CB  . LEU A 1 10 ? -1.164  6.685   5.812   1.00 15.00 ? 10 LEU A CB  1 
ATOM 60  C CG  . LEU A 1 10 ? -1.965  6.400   7.152   1.00 15.00 ? 10 LEU A CG  1 
ATOM 61  C CD1 . LEU A 1 10 ? -0.988  5.697   8.142   1.00 15.00 ? 10 LEU A CD1 1 
ATOM 62  C CD2 . LEU A 1 10 ? -2.548  7.722   7.694   1.00 15.00 ? 10 LEU A CD2 1 
ATOM 63  N N   . CYS A 1 11 ? -1.719  7.911   2.410   1.00 15.00 ? 11 CYS A N   1 
ATOM 64  C CA  . CYS A 1 11 ? -1.133  8.001   1.028   1.00 15.00 ? 11 CYS A CA  1 
ATOM 65  C C   . CYS A 1 11 ? -0.257  9.295   0.949   1.00 15.00 ? 11 CYS A C   1 
ATOM 66  O O   . CYS A 1 11 ? -0.650  10.285  1.633   1.00 15.00 ? 11 CYS A O   1 
ATOM 67  C CB  . CYS A 1 11 ? -2.225  8.092   -0.054  1.00 15.00 ? 11 CYS A CB  1 
ATOM 68  S SG  . CYS A 1 11 ? -1.833  7.702   -1.799  1.00 15.00 ? 11 CYS A SG  1 
ATOM 69  N N   . MET A 1 12 ? 0.780   9.230   0.111   1.00 15.00 ? 12 MET A N   1 
ATOM 70  C CA  . MET A 1 12 ? 1.652   10.461  -0.034  1.00 15.00 ? 12 MET A CA  1 
ATOM 71  C C   . MET A 1 12 ? 1.965   10.577  -1.555  1.00 15.00 ? 12 MET A C   1 
ATOM 72  O O   . MET A 1 12 ? 2.150   9.484   -2.188  1.00 15.00 ? 12 MET A O   1 
ATOM 73  C CB  . MET A 1 12 ? 2.915   10.368  0.788   1.00 15.00 ? 12 MET A CB  1 
ATOM 74  C CG  . MET A 1 12 ? 3.215   8.903   1.152   1.00 15.00 ? 12 MET A CG  1 
ATOM 75  S SD  . MET A 1 12 ? 4.715   9.048   2.248   1.00 15.00 ? 12 MET A SD  1 
ATOM 76  C CE  . MET A 1 12 ? 4.153   10.368  3.408   1.00 15.00 ? 12 MET A CE  1 
ATOM 77  N N   . CYS A 1 13 ? 2.000   11.867  -1.981  1.00 15.00 ? 13 CYS A N   1 
ATOM 78  C CA  . CYS A 1 13 ? 2.242   12.104  -3.445  1.00 15.00 ? 13 CYS A CA  1 
ATOM 79  C C   . CYS A 1 13 ? 3.291   13.218  -3.656  1.00 15.00 ? 13 CYS A C   1 
ATOM 80  O O   . CYS A 1 13 ? 3.311   14.077  -2.738  1.00 15.00 ? 13 CYS A O   1 
ATOM 81  C CB  . CYS A 1 13 ? 0.850   12.503  -4.024  1.00 15.00 ? 13 CYS A CB  1 
ATOM 82  S SG  . CYS A 1 13 ? -0.383  11.192  -4.077  1.00 15.00 ? 13 CYS A SG  1 
ATOM 83  N N   . THR A 1 14 ? 4.033   13.236  -4.761  1.00 15.00 ? 14 THR A N   1 
ATOM 84  C CA  . THR A 1 14 ? 5.024   14.330  -5.069  1.00 15.00 ? 14 THR A CA  1 
ATOM 85  C C   . THR A 1 14 ? 4.259   15.488  -5.757  1.00 15.00 ? 14 THR A C   1 
ATOM 86  O O   . THR A 1 14 ? 3.279   15.177  -6.502  1.00 15.00 ? 14 THR A O   1 
ATOM 87  C CB  . THR A 1 14 ? 6.181   13.732  -5.987  1.00 15.00 ? 14 THR A CB  1 
ATOM 88  O OG1 . THR A 1 14 ? 5.382   13.315  -7.237  1.00 15.00 ? 14 THR A OG1 1 
ATOM 89  C CG2 . THR A 1 14 ? 6.933   12.498  -5.463  1.00 15.00 ? 14 THR A CG2 1 
ATOM 90  N N   . ARG A 1 15 ? 4.672   16.750  -5.511  1.00 15.00 ? 15 ARG A N   1 
ATOM 91  C CA  . ARG A 1 15 ? 3.997   17.946  -6.091  1.00 15.00 ? 15 ARG A CA  1 
ATOM 92  C C   . ARG A 1 15 ? 4.408   18.207  -7.578  1.00 15.00 ? 15 ARG A C   1 
ATOM 93  O O   . ARG A 1 15 ? 4.446   19.388  -8.078  1.00 15.00 ? 15 ARG A O   1 
ATOM 94  C CB  . ARG A 1 15 ? 4.229   19.237  -5.238  1.00 15.00 ? 15 ARG A CB  1 
ATOM 95  C CG  . ARG A 1 15 ? 4.565   19.059  -3.763  1.00 15.00 ? 15 ARG A CG  1 
ATOM 96  C CD  . ARG A 1 15 ? 3.497   19.147  -2.726  1.00 15.00 ? 15 ARG A CD  1 
ATOM 97  N NE  . ARG A 1 15 ? 2.770   20.393  -2.562  1.00 15.00 ? 15 ARG A NE  1 
ATOM 98  C CZ  . ARG A 1 15 ? 3.061   21.674  -2.887  1.00 15.00 ? 15 ARG A CZ  1 
ATOM 99  N NH1 . ARG A 1 15 ? 4.125   22.015  -3.680  1.00 15.00 ? 15 ARG A NH1 1 
ATOM 100 N NH2 . ARG A 1 15 ? 2.252   22.715  -2.464  1.00 15.00 ? 15 ARG A NH2 1 
ATOM 101 N N   . SER A 1 16 ? 4.664   17.147  -8.337  1.00 15.00 ? 16 SER A N   1 
ATOM 102 C CA  . SER A 1 16 ? 5.033   17.119  -9.774  1.00 15.00 ? 16 SER A CA  1 
ATOM 103 C C   . SER A 1 16 ? 3.791   16.734  -10.621 1.00 15.00 ? 16 SER A C   1 
ATOM 104 O O   . SER A 1 16 ? 2.797   16.221  -10.007 1.00 15.00 ? 16 SER A O   1 
ATOM 105 C CB  . SER A 1 16 ? 6.163   16.056  -9.949  1.00 15.00 ? 16 SER A CB  1 
ATOM 106 O OG  . SER A 1 16 ? 5.611   14.683  -9.913  1.00 15.00 ? 16 SER A OG  1 
ATOM 107 N N   . MET A 1 17 ? 3.870   16.907  -11.962 1.00 15.00 ? 17 MET A N   1 
ATOM 108 C CA  . MET A 1 17 ? 2.689   16.497  -12.854 1.00 15.00 ? 17 MET A CA  1 
ATOM 109 C C   . MET A 1 17 ? 3.131   15.513  -13.960 1.00 15.00 ? 17 MET A C   1 
ATOM 110 O O   . MET A 1 17 ? 3.969   15.995  -14.771 1.00 15.00 ? 17 MET A O   1 
ATOM 111 C CB  . MET A 1 17 ? 2.092   17.817  -13.451 1.00 15.00 ? 17 MET A CB  1 
ATOM 112 C CG  . MET A 1 17 ? 0.743   17.668  -14.151 1.00 15.00 ? 17 MET A CG  1 
ATOM 113 S SD  . MET A 1 17 ? -0.467  16.870  -12.959 1.00 15.00 ? 17 MET A SD  1 
ATOM 114 C CE  . MET A 1 17 ? -0.623  18.191  -11.696 1.00 15.00 ? 17 MET A CE  1 
ATOM 115 N N   . PRO A 1 18 ? 2.647   14.265  -14.076 1.00 15.00 ? 18 PRO A N   1 
ATOM 116 C CA  . PRO A 1 18 ? 1.697   13.576  -13.157 1.00 15.00 ? 18 PRO A CA  1 
ATOM 117 C C   . PRO A 1 18 ? 2.376   13.284  -11.789 1.00 15.00 ? 18 PRO A C   1 
ATOM 118 O O   . PRO A 1 18 ? 3.650   13.232  -11.669 1.00 15.00 ? 18 PRO A O   1 
ATOM 119 C CB  . PRO A 1 18 ? 1.334   12.273  -13.941 1.00 15.00 ? 18 PRO A CB  1 
ATOM 120 C CG  . PRO A 1 18 ? 2.538   11.948  -14.812 1.00 15.00 ? 18 PRO A CG  1 
ATOM 121 C CD  . PRO A 1 18 ? 3.092   13.348  -15.192 1.00 15.00 ? 18 PRO A CD  1 
ATOM 122 N N   . PRO A 1 19 ? 1.531   13.127  -10.751 1.00 15.00 ? 19 PRO A N   1 
ATOM 123 C CA  . PRO A 1 19 ? 2.016   12.887  -9.339  1.00 15.00 ? 19 PRO A CA  1 
ATOM 124 C C   . PRO A 1 19 ? 2.550   11.442  -9.273  1.00 15.00 ? 19 PRO A C   1 
ATOM 125 O O   . PRO A 1 19 ? 2.204   10.684  -10.216 1.00 15.00 ? 19 PRO A O   1 
ATOM 126 C CB  . PRO A 1 19 ? 0.763   13.251  -8.478  1.00 15.00 ? 19 PRO A CB  1 
ATOM 127 C CG  . PRO A 1 19 ? -0.389  12.634  -9.347  1.00 15.00 ? 19 PRO A CG  1 
ATOM 128 C CD  . PRO A 1 19 ? 0.020   13.209  -10.785 1.00 15.00 ? 19 PRO A CD  1 
ATOM 129 N N   . GLN A 1 20 ? 3.401   11.142  -8.266  1.00 15.00 ? 20 GLN A N   1 
ATOM 130 C CA  . GLN A 1 20 ? 3.954   9.757   -8.009  1.00 15.00 ? 20 GLN A CA  1 
ATOM 131 C C   . GLN A 1 20 ? 3.578   9.434   -6.532  1.00 15.00 ? 20 GLN A C   1 
ATOM 132 O O   . GLN A 1 20 ? 4.162   10.099  -5.630  1.00 15.00 ? 20 GLN A O   1 
ATOM 133 C CB  . GLN A 1 20 ? 5.450   9.635   -8.265  1.00 15.00 ? 20 GLN A CB  1 
ATOM 134 C CG  . GLN A 1 20 ? 6.007   9.174   -9.610  1.00 15.00 ? 20 GLN A CG  1 
ATOM 135 C CD  . GLN A 1 20 ? 5.248   8.212   -10.524 1.00 15.00 ? 20 GLN A CD  1 
ATOM 136 O OE1 . GLN A 1 20 ? 5.613   7.044   -10.877 1.00 15.00 ? 20 GLN A OE1 1 
ATOM 137 N NE2 . GLN A 1 20 ? 4.088   8.645   -11.118 1.00 15.00 ? 20 GLN A NE2 1 
ATOM 138 N N   . CYS A 1 21 ? 2.641   8.486   -6.304  1.00 15.00 ? 21 CYS A N   1 
ATOM 139 C CA  . CYS A 1 21 ? 2.077   8.151   -4.938  1.00 15.00 ? 21 CYS A CA  1 
ATOM 140 C C   . CYS A 1 21 ? 2.235   6.678   -4.431  1.00 15.00 ? 21 CYS A C   1 
ATOM 141 O O   . CYS A 1 21 ? 2.259   5.698   -5.234  1.00 15.00 ? 21 CYS A O   1 
ATOM 142 C CB  . CYS A 1 21 ? 0.563   8.495   -5.044  1.00 15.00 ? 21 CYS A CB  1 
ATOM 143 S SG  . CYS A 1 21 ? -0.061  10.090  -5.745  1.00 15.00 ? 21 CYS A SG  1 
ATOM 144 N N   . SER A 1 22 ? 2.293   6.497   -3.084  1.00 15.00 ? 22 SER A N   1 
ATOM 145 C CA  . SER A 1 22 ? 2.458   5.143   -2.381  1.00 15.00 ? 22 SER A CA  1 
ATOM 146 C C   . SER A 1 22 ? 1.691   5.034   -1.031  1.00 15.00 ? 22 SER A C   1 
ATOM 147 O O   . SER A 1 22 ? 0.954   6.030   -0.731  1.00 15.00 ? 22 SER A O   1 
ATOM 148 C CB  . SER A 1 22 ? 3.962   4.845   -2.292  1.00 15.00 ? 22 SER A CB  1 
ATOM 149 O OG  . SER A 1 22 ? 4.791   6.028   -2.081  1.00 15.00 ? 22 SER A OG  1 
ATOM 150 N N   . CYS A 1 23 ? 1.800   3.968   -0.217  1.00 15.00 ? 23 CYS A N   1 
ATOM 151 C CA  . CYS A 1 23 ? 1.069   3.705   1.088   1.00 15.00 ? 23 CYS A CA  1 
ATOM 152 C C   . CYS A 1 23 ? 1.590   3.265   2.457   1.00 15.00 ? 23 CYS A C   1 
ATOM 153 O O   . CYS A 1 23 ? 2.343   3.988   3.252   1.00 15.00 ? 23 CYS A O   1 
ATOM 154 C CB  . CYS A 1 23 ? 0.020   2.684   0.466   1.00 15.00 ? 23 CYS A CB  1 
ATOM 155 S SG  . CYS A 1 23 ? -1.524  2.432   1.324   1.00 15.00 ? 23 CYS A SG  1 
ATOM 156 N N   . GLU A 1 24 ? 1.063   2.207   3.182   1.00 15.00 ? 24 GLU A N   1 
ATOM 157 C CA  . GLU A 1 24 ? 1.188   1.591   4.536   1.00 15.00 ? 24 GLU A CA  1 
ATOM 158 C C   . GLU A 1 24 ? 1.257   0.033   4.804   1.00 15.00 ? 24 GLU A C   1 
ATOM 159 O O   . GLU A 1 24 ? 1.227   -0.867  3.881   1.00 15.00 ? 24 GLU A O   1 
ATOM 160 C CB  . GLU A 1 24 ? -0.224  1.866   5.250   1.00 15.00 ? 24 GLU A CB  1 
ATOM 161 C CG  . GLU A 1 24 ? -1.318  0.851   4.776   1.00 15.00 ? 24 GLU A CG  1 
ATOM 162 C CD  . GLU A 1 24 ? -2.729  1.427   4.800   1.00 15.00 ? 24 GLU A CD  1 
ATOM 163 O OE1 . GLU A 1 24 ? -2.806  2.532   5.327   1.00 15.00 ? 24 GLU A OE1 1 
ATOM 164 O OE2 . GLU A 1 24 ? -3.653  0.687   4.297   1.00 15.00 ? 24 GLU A OE2 1 
ATOM 165 N N   . ASP A 1 25 ? 1.135   -0.444  6.069   1.00 15.00 ? 25 ASP A N   1 
ATOM 166 C CA  . ASP A 1 25 ? 1.275   -1.687  6.800   1.00 15.00 ? 25 ASP A CA  1 
ATOM 167 C C   . ASP A 1 25 ? 0.174   -2.776  7.094   1.00 15.00 ? 25 ASP A C   1 
ATOM 168 O O   . ASP A 1 25 ? -0.894  -2.501  7.728   1.00 15.00 ? 25 ASP A O   1 
ATOM 169 C CB  . ASP A 1 25 ? 1.679   -1.289  8.327   1.00 15.00 ? 25 ASP A CB  1 
ATOM 170 C CG  . ASP A 1 25 ? 2.877   -2.034  8.926   1.00 15.00 ? 25 ASP A CG  1 
ATOM 171 O OD1 . ASP A 1 25 ? 2.986   -3.251  9.299   1.00 15.00 ? 25 ASP A OD1 1 
ATOM 172 O OD2 . ASP A 1 25 ? 3.885   -1.197  9.007   1.00 15.00 ? 25 ASP A OD2 1 
ATOM 173 N N   . ARG A 1 26 ? 0.491   -4.060  6.799   1.00 15.00 ? 26 ARG A N   1 
ATOM 174 C CA  . ARG A 1 26 ? -0.374  -5.272  6.878   1.00 15.00 ? 26 ARG A CA  1 
ATOM 175 C C   . ARG A 1 26 ? 0.408   -6.487  7.460   1.00 15.00 ? 26 ARG A C   1 
ATOM 176 O O   . ARG A 1 26 ? 1.645   -6.413  7.148   1.00 15.00 ? 26 ARG A O   1 
ATOM 177 C CB  . ARG A 1 26 ? -0.801  -5.710  5.433   1.00 15.00 ? 26 ARG A CB  1 
ATOM 178 C CG  . ARG A 1 26 ? -1.714  -4.826  4.573   1.00 15.00 ? 26 ARG A CG  1 
ATOM 179 C CD  . ARG A 1 26 ? -2.689  -3.976  5.397   1.00 15.00 ? 26 ARG A CD  1 
ATOM 180 N NE  . ARG A 1 26 ? -3.787  -3.386  4.559   1.00 15.00 ? 26 ARG A NE  1 
ATOM 181 C CZ  . ARG A 1 26 ? -4.521  -2.281  4.906   1.00 15.00 ? 26 ARG A CZ  1 
ATOM 182 N NH1 . ARG A 1 26 ? -4.423  -1.579  6.088   1.00 15.00 ? 26 ARG A NH1 1 
ATOM 183 N NH2 . ARG A 1 26 ? -5.401  -1.805  3.962   1.00 15.00 ? 26 ARG A NH2 1 
ATOM 184 N N   . ILE A 1 27 ? -0.221  -7.491  8.135   1.00 15.00 ? 27 ILE A N   1 
ATOM 185 C CA  . ILE A 1 27 ? 0.635   -8.650  8.673   1.00 15.00 ? 27 ILE A CA  1 
ATOM 186 C C   . ILE A 1 27 ? 0.627   -9.867  7.719   1.00 15.00 ? 27 ILE A C   1 
ATOM 187 O O   . ILE A 1 27 ? -0.433  -10.206 7.134   1.00 15.00 ? 27 ILE A O   1 
ATOM 188 C CB  . ILE A 1 27 ? 0.375   -8.902  10.252  1.00 15.00 ? 27 ILE A CB  1 
ATOM 189 C CG1 . ILE A 1 27 ? -1.074  -9.332  10.689  1.00 15.00 ? 27 ILE A CG1 1 
ATOM 190 C CG2 . ILE A 1 27 ? 0.785   -7.638  11.167  1.00 15.00 ? 27 ILE A CG2 1 
ATOM 191 C CD1 . ILE A 1 27 ? -1.176  -9.377  12.278  1.00 15.00 ? 27 ILE A CD1 1 
ATOM 192 N N   . ASN A 1 28 ? 1.773   -10.438 7.319   1.00 15.00 ? 28 ASN A N   1 
ATOM 193 C CA  . ASN A 1 28 ? 1.956   -11.591 6.375   1.00 15.00 ? 28 ASN A CA  1 
ATOM 194 C C   . ASN A 1 28 ? 1.825   -11.417 4.832   1.00 15.00 ? 28 ASN A C   1 
ATOM 195 O O   . ASN A 1 28 ? 2.489   -12.177 3.985   1.00 15.00 ? 28 ASN A O   1 
ATOM 196 C CB  . ASN A 1 28 ? 0.900   -12.723 6.838   1.00 15.00 ? 28 ASN A CB  1 
ATOM 197 C CG  . ASN A 1 28 ? 1.323   -13.366 8.184   1.00 15.00 ? 28 ASN A CG  1 
ATOM 198 O OD1 . ASN A 1 28 ? 2.560   -13.647 8.378   1.00 15.00 ? 28 ASN A OD1 1 
ATOM 199 N ND2 . ASN A 1 28 ? 0.389   -13.629 9.141   1.00 15.00 ? 28 ASN A ND2 1 
ATOM 200 N N   . SER A 1 29 ? 0.921   -10.540 4.368   1.00 15.00 ? 29 SER A N   1 
ATOM 201 C CA  . SER A 1 29 ? 0.603   -10.312 2.927   1.00 15.00 ? 29 SER A CA  1 
ATOM 202 C C   . SER A 1 29 ? 0.172   -8.868  2.586   1.00 15.00 ? 29 SER A C   1 
ATOM 203 O O   . SER A 1 29 ? -0.423  -8.152  3.431   1.00 15.00 ? 29 SER A O   1 
ATOM 204 C CB  . SER A 1 29 ? -0.626  -11.231 2.572   1.00 15.00 ? 29 SER A CB  1 
ATOM 205 O OG  . SER A 1 29 ? -0.104  -12.535 2.134   1.00 15.00 ? 29 SER A OG  1 
ATOM 206 N N   . CYS A 1 30 ? 0.414   -8.463  1.302   1.00 15.00 ? 30 CYS A N   1 
ATOM 207 C CA  . CYS A 1 30 ? -0.004  -7.108  0.772   1.00 15.00 ? 30 CYS A CA  1 
ATOM 208 C C   . CYS A 1 30 ? -1.321  -7.267  -0.035  1.00 15.00 ? 30 CYS A C   1 
ATOM 209 O O   . CYS A 1 30 ? -1.722  -8.450  -0.235  1.00 15.00 ? 30 CYS A O   1 
ATOM 210 C CB  . CYS A 1 30 ? 1.132   -6.529  -0.100  1.00 15.00 ? 30 CYS A CB  1 
ATOM 211 S SG  . CYS A 1 30 ? 2.668   -6.287  0.734   1.00 15.00 ? 30 CYS A SG  1 
ATOM 212 N N   . HIS A 1 31 ? -1.902  -6.141  -0.524  1.00 15.00 ? 31 HIS A N   1 
ATOM 213 C CA  . HIS A 1 31 ? -3.177  -6.283  -1.358  1.00 15.00 ? 31 HIS A CA  1 
ATOM 214 C C   . HIS A 1 31 ? -2.783  -7.018  -2.693  1.00 15.00 ? 31 HIS A C   1 
ATOM 215 O O   . HIS A 1 31 ? -1.663  -7.103  -3.249  1.00 15.00 ? 31 HIS A O   1 
ATOM 216 C CB  . HIS A 1 31 ? -4.033  -5.020  -1.619  1.00 15.00 ? 31 HIS A CB  1 
ATOM 217 C CG  . HIS A 1 31 ? -3.320  -3.816  -2.193  1.00 15.00 ? 31 HIS A CG  1 
ATOM 218 N ND1 . HIS A 1 31 ? -2.873  -3.688  -3.512  1.00 15.00 ? 31 HIS A ND1 1 
ATOM 219 C CD2 . HIS A 1 31 ? -2.977  -2.616  -1.562  1.00 15.00 ? 31 HIS A CD2 1 
ATOM 220 C CE1 . HIS A 1 31 ? -2.291  -2.463  -3.657  1.00 15.00 ? 31 HIS A CE1 1 
ATOM 221 N NE2 . HIS A 1 31 ? -2.324  -1.798  -2.477  1.00 15.00 ? 31 HIS A NE2 1 
ATOM 222 N N   . SER A 1 32 ? -3.870  -7.663  -3.180  1.00 15.00 ? 32 SER A N   1 
ATOM 223 C CA  . SER A 1 32 ? -3.946  -8.488  -4.427  1.00 15.00 ? 32 SER A CA  1 
ATOM 224 C C   . SER A 1 32 ? -3.386  -7.652  -5.628  1.00 15.00 ? 32 SER A C   1 
ATOM 225 O O   . SER A 1 32 ? -2.699  -8.236  -6.545  1.00 15.00 ? 32 SER A O   1 
ATOM 226 C CB  . SER A 1 32 ? -5.445  -8.907  -4.647  1.00 15.00 ? 32 SER A CB  1 
ATOM 227 O OG  . SER A 1 32 ? -6.153  -7.691  -5.052  1.00 15.00 ? 32 SER A OG  1 
ATOM 228 N N   . ASP A 1 33 ? -3.648  -6.314  -5.580  1.00 15.00 ? 33 ASP A N   1 
ATOM 229 C CA  . ASP A 1 33 ? -3.162  -5.465  -6.737  1.00 15.00 ? 33 ASP A CA  1 
ATOM 230 C C   . ASP A 1 33 ? -1.673  -5.101  -6.625  1.00 15.00 ? 33 ASP A C   1 
ATOM 231 O O   . ASP A 1 33 ? -1.104  -4.678  -7.698  1.00 15.00 ? 33 ASP A O   1 
ATOM 232 C CB  . ASP A 1 33 ? -4.151  -4.256  -6.948  1.00 15.00 ? 33 ASP A CB  1 
ATOM 233 C CG  . ASP A 1 33 ? -4.668  -4.370  -8.441  1.00 15.00 ? 33 ASP A CG  1 
ATOM 234 O OD1 . ASP A 1 33 ? -3.943  -3.821  -9.321  1.00 15.00 ? 33 ASP A OD1 1 
ATOM 235 O OD2 . ASP A 1 33 ? -5.712  -5.066  -8.655  1.00 15.00 ? 33 ASP A OD2 1 
ATOM 236 N N   . CYS A 1 34 ? -1.077  -5.266  -5.431  1.00 15.00 ? 34 CYS A N   1 
ATOM 237 C CA  . CYS A 1 34 ? 0.378   -4.939  -5.206  1.00 15.00 ? 34 CYS A CA  1 
ATOM 238 C C   . CYS A 1 34 ? 1.351   -5.748  -6.095  1.00 15.00 ? 34 CYS A C   1 
ATOM 239 O O   . CYS A 1 34 ? 1.242   -7.004  -6.113  1.00 15.00 ? 34 CYS A O   1 
ATOM 240 C CB  . CYS A 1 34 ? 0.736   -5.217  -3.705  1.00 15.00 ? 34 CYS A CB  1 
ATOM 241 S SG  . CYS A 1 34 ? 2.408   -4.515  -3.320  1.00 15.00 ? 34 CYS A SG  1 
ATOM 242 N N   . LYS A 1 35 ? 2.321   -5.072  -6.741  1.00 15.00 ? 35 LYS A N   1 
ATOM 243 C CA  . LYS A 1 35 ? 3.327   -5.688  -7.658  1.00 15.00 ? 35 LYS A CA  1 
ATOM 244 C C   . LYS A 1 35 ? 4.701   -5.944  -7.001  1.00 15.00 ? 35 LYS A C   1 
ATOM 245 O O   . LYS A 1 35 ? 5.445   -6.850  -7.511  1.00 15.00 ? 35 LYS A O   1 
ATOM 246 C CB  . LYS A 1 35 ? 3.547   -4.859  -8.967  1.00 15.00 ? 35 LYS A CB  1 
ATOM 247 C CG  . LYS A 1 35 ? 2.460   -4.877  -10.062 1.00 15.00 ? 35 LYS A CG  1 
ATOM 248 C CD  . LYS A 1 35 ? 1.040   -4.434  -9.601  1.00 15.00 ? 35 LYS A CD  1 
ATOM 249 C CE  . LYS A 1 35 ? 0.725   -2.923  -9.560  1.00 15.00 ? 35 LYS A CE  1 
ATOM 250 N NZ  . LYS A 1 35 ? -0.699  -2.561  -9.211  1.00 15.00 ? 35 LYS A NZ  1 
ATOM 251 N N   . SER A 1 36 ? 5.160   -5.258  -5.993  1.00 15.00 ? 36 SER A N   1 
ATOM 252 C CA  . SER A 1 36 ? 6.483   -5.522  -5.296  1.00 15.00 ? 36 SER A CA  1 
ATOM 253 C C   . SER A 1 36 ? 6.150   -5.315  -3.801  1.00 15.00 ? 36 SER A C   1 
ATOM 254 O O   . SER A 1 36 ? 5.752   -4.168  -3.440  1.00 15.00 ? 36 SER A O   1 
ATOM 255 C CB  . SER A 1 36 ? 7.586   -4.608  -5.820  1.00 15.00 ? 36 SER A CB  1 
ATOM 256 O OG  . SER A 1 36 ? 8.771   -4.898  -5.022  1.00 15.00 ? 36 SER A OG  1 
ATOM 257 N N   . CYS A 1 37 ? 6.135   -6.357  -3.014  1.00 15.00 ? 37 CYS A N   1 
ATOM 258 C CA  . CYS A 1 37 ? 5.689   -6.331  -1.599  1.00 15.00 ? 37 CYS A CA  1 
ATOM 259 C C   . CYS A 1 37 ? 6.841   -6.612  -0.646  1.00 15.00 ? 37 CYS A C   1 
ATOM 260 O O   . CYS A 1 37 ? 7.428   -7.698  -0.936  1.00 15.00 ? 37 CYS A O   1 
ATOM 261 C CB  . CYS A 1 37 ? 4.650   -7.476  -1.406  1.00 15.00 ? 37 CYS A CB  1 
ATOM 262 S SG  . CYS A 1 37 ? 4.085   -7.498  0.273   1.00 15.00 ? 37 CYS A SG  1 
ATOM 263 N N   . MET A 1 38 ? 7.082   -5.794  0.381   1.00 15.00 ? 38 MET A N   1 
ATOM 264 C CA  . MET A 1 38 ? 8.262   -6.069  1.263   1.00 15.00 ? 38 MET A CA  1 
ATOM 265 C C   . MET A 1 38 ? 7.873   -6.320  2.724   1.00 15.00 ? 38 MET A C   1 
ATOM 266 O O   . MET A 1 38 ? 7.176   -5.482  3.358   1.00 15.00 ? 38 MET A O   1 
ATOM 267 C CB  . MET A 1 38 ? 9.276   -4.898  1.120   1.00 15.00 ? 38 MET A CB  1 
ATOM 268 C CG  . MET A 1 38 ? 10.199  -4.897  2.357   1.00 15.00 ? 38 MET A CG  1 
ATOM 269 S SD  . MET A 1 38 ? 11.812  -4.257  1.747   1.00 15.00 ? 38 MET A SD  1 
ATOM 270 C CE  . MET A 1 38 ? 12.027  -5.070  0.147   1.00 15.00 ? 38 MET A CE  1 
ATOM 271 N N   . CYS A 1 39 ? 8.391   -7.435  3.248   1.00 15.00 ? 39 CYS A N   1 
ATOM 272 C CA  . CYS A 1 39 ? 8.150   -7.944  4.623   1.00 15.00 ? 39 CYS A CA  1 
ATOM 273 C C   . CYS A 1 39 ? 9.487   -8.217  5.424   1.00 15.00 ? 39 CYS A C   1 
ATOM 274 O O   . CYS A 1 39 ? 10.692  -8.327  4.984   1.00 15.00 ? 39 CYS A O   1 
ATOM 275 C CB  . CYS A 1 39 ? 7.256   -9.220  4.457   1.00 15.00 ? 39 CYS A CB  1 
ATOM 276 S SG  . CYS A 1 39 ? 5.755   -9.070  3.403   1.00 15.00 ? 39 CYS A SG  1 
ATOM 277 N N   . THR A 1 40 ? 9.235   -8.294  6.769   1.00 15.00 ? 40 THR A N   1 
ATOM 278 C CA  . THR A 1 40 ? 10.242  -8.563  7.812   1.00 15.00 ? 40 THR A CA  1 
ATOM 279 C C   . THR A 1 40 ? 10.327  -10.130 7.934   1.00 15.00 ? 40 THR A C   1 
ATOM 280 O O   . THR A 1 40 ? 9.301   -10.845 7.842   1.00 15.00 ? 40 THR A O   1 
ATOM 281 C CB  . THR A 1 40 ? 9.920   -7.934  9.255   1.00 15.00 ? 40 THR A CB  1 
ATOM 282 O OG1 . THR A 1 40 ? 8.556   -8.437  9.563   1.00 15.00 ? 40 THR A OG1 1 
ATOM 283 C CG2 . THR A 1 40 ? 10.049  -6.390  9.301   1.00 15.00 ? 40 THR A CG2 1 
ATOM 284 N N   . ARG A 1 41 ? 11.596  -10.528 8.107   1.00 15.00 ? 41 ARG A N   1 
ATOM 285 C CA  . ARG A 1 41 ? 11.932  -11.985 8.280   1.00 15.00 ? 41 ARG A CA  1 
ATOM 286 C C   . ARG A 1 41 ? 11.578  -12.228 9.787   1.00 15.00 ? 41 ARG A C   1 
ATOM 287 O O   . ARG A 1 41 ? 12.411  -12.094 10.731  1.00 15.00 ? 41 ARG A O   1 
ATOM 288 C CB  . ARG A 1 41 ? 13.366  -12.246 7.771   1.00 15.00 ? 41 ARG A CB  1 
ATOM 289 C CG  . ARG A 1 41 ? 13.553  -12.559 6.275   1.00 15.00 ? 41 ARG A CG  1 
ATOM 290 C CD  . ARG A 1 41 ? 13.263  -14.023 5.897   1.00 15.00 ? 41 ARG A CD  1 
ATOM 291 N NE  . ARG A 1 41 ? 11.880  -14.498 6.189   1.00 15.00 ? 41 ARG A NE  1 
ATOM 292 C CZ  . ARG A 1 41 ? 11.348  -15.419 7.058   1.00 15.00 ? 41 ARG A CZ  1 
ATOM 293 N NH1 . ARG A 1 41 ? 12.068  -16.358 7.751   1.00 15.00 ? 41 ARG A NH1 1 
ATOM 294 N NH2 . ARG A 1 41 ? 9.969   -15.470 7.246   1.00 15.00 ? 41 ARG A NH2 1 
ATOM 295 N N   . SER A 1 42 ? 10.280  -12.499 10.013  1.00 15.00 ? 42 SER A N   1 
ATOM 296 C CA  . SER A 1 42 ? 9.800   -12.772 11.424  1.00 15.00 ? 42 SER A CA  1 
ATOM 297 C C   . SER A 1 42 ? 8.389   -13.395 11.356  1.00 15.00 ? 42 SER A C   1 
ATOM 298 O O   . SER A 1 42 ? 7.839   -13.365 10.194  1.00 15.00 ? 42 SER A O   1 
ATOM 299 C CB  . SER A 1 42 ? 9.961   -11.469 12.203  1.00 15.00 ? 42 SER A CB  1 
ATOM 300 O OG  . SER A 1 42 ? 8.839   -10.596 12.292  1.00 15.00 ? 42 SER A OG  1 
ATOM 301 N N   . GLN A 1 43 ? 7.895   -13.921 12.494  1.00 15.00 ? 43 GLN A N   1 
ATOM 302 C CA  . GLN A 1 43 ? 6.523   -14.540 12.524  1.00 15.00 ? 43 GLN A CA  1 
ATOM 303 C C   . GLN A 1 43 ? 5.672   -13.893 13.646  1.00 15.00 ? 43 GLN A C   1 
ATOM 304 O O   . GLN A 1 43 ? 6.026   -14.051 14.832  1.00 15.00 ? 43 GLN A O   1 
ATOM 305 C CB  . GLN A 1 43 ? 6.639   -16.068 12.692  1.00 15.00 ? 43 GLN A CB  1 
ATOM 306 C CG  . GLN A 1 43 ? 6.300   -16.886 11.399  1.00 15.00 ? 43 GLN A CG  1 
ATOM 307 C CD  . GLN A 1 43 ? 4.779   -16.761 11.081  1.00 15.00 ? 43 GLN A CD  1 
ATOM 308 O OE1 . GLN A 1 43 ? 3.956   -16.927 12.033  1.00 15.00 ? 43 GLN A OE1 1 
ATOM 309 N NE2 . GLN A 1 43 ? 4.409   -16.441 9.800   1.00 15.00 ? 43 GLN A NE2 1 
ATOM 310 N N   . PRO A 1 44 ? 4.586   -13.153 13.328  1.00 15.00 ? 44 PRO A N   1 
ATOM 311 C CA  . PRO A 1 44 ? 4.069   -12.862 11.954  1.00 15.00 ? 44 PRO A CA  1 
ATOM 312 C C   . PRO A 1 44 ? 4.861   -11.646 11.384  1.00 15.00 ? 44 PRO A C   1 
ATOM 313 O O   . PRO A 1 44 ? 5.198   -10.705 12.193  1.00 15.00 ? 44 PRO A O   1 
ATOM 314 C CB  . PRO A 1 44 ? 2.592   -12.522 12.219  1.00 15.00 ? 44 PRO A CB  1 
ATOM 315 C CG  . PRO A 1 44 ? 2.544   -11.830 13.584  1.00 15.00 ? 44 PRO A CG  1 
ATOM 316 C CD  . PRO A 1 44 ? 3.741   -12.462 14.370  1.00 15.00 ? 44 PRO A CD  1 
ATOM 317 N N   . GLY A 1 45 ? 5.094   -11.717 10.083  1.00 15.00 ? 45 GLY A N   1 
ATOM 318 C CA  . GLY A 1 45 ? 5.812   -10.677 9.293   1.00 15.00 ? 45 GLY A CA  1 
ATOM 319 C C   . GLY A 1 45 ? 4.840   -9.455  9.083   1.00 15.00 ? 45 GLY A C   1 
ATOM 320 O O   . GLY A 1 45 ? 3.593   -9.642  8.917   1.00 15.00 ? 45 GLY A O   1 
ATOM 321 N N   . GLN A 1 46 ? 5.472   -8.261  9.118   1.00 15.00 ? 46 GLN A N   1 
ATOM 322 C CA  . GLN A 1 46 ? 4.785   -6.946  8.929   1.00 15.00 ? 46 GLN A CA  1 
ATOM 323 C C   . GLN A 1 46 ? 5.220   -6.473  7.495   1.00 15.00 ? 46 GLN A C   1 
ATOM 324 O O   . GLN A 1 46 ? 6.437   -6.352  7.283   1.00 15.00 ? 46 GLN A O   1 
ATOM 325 C CB  . GLN A 1 46 ? 5.200   -5.882  9.945   1.00 15.00 ? 46 GLN A CB  1 
ATOM 326 C CG  . GLN A 1 46 ? 4.726   -6.173  11.396  1.00 15.00 ? 46 GLN A CG  1 
ATOM 327 C CD  . GLN A 1 46 ? 5.773   -5.528  12.325  1.00 15.00 ? 46 GLN A CD  1 
ATOM 328 O OE1 . GLN A 1 46 ? 6.867   -6.072  12.644  1.00 15.00 ? 46 GLN A OE1 1 
ATOM 329 N NE2 . GLN A 1 46 ? 5.416   -4.278  12.732  1.00 15.00 ? 46 GLN A NE2 1 
ATOM 330 N N   . CYS A 1 47 ? 4.234   -6.365  6.590   1.00 15.00 ? 47 CYS A N   1 
ATOM 331 C CA  . CYS A 1 47 ? 4.434   -5.991  5.180   1.00 15.00 ? 47 CYS A CA  1 
ATOM 332 C C   . CYS A 1 47 ? 3.919   -4.589  4.766   1.00 15.00 ? 47 CYS A C   1 
ATOM 333 O O   . CYS A 1 47 ? 2.969   -4.060  5.355   1.00 15.00 ? 47 CYS A O   1 
ATOM 334 C CB  . CYS A 1 47 ? 3.686   -7.033  4.306   1.00 15.00 ? 47 CYS A CB  1 
ATOM 335 S SG  . CYS A 1 47 ? 4.223   -8.753  4.661   1.00 15.00 ? 47 CYS A SG  1 
ATOM 336 N N   . ARG A 1 48 ? 4.571   -4.076  3.699   1.00 15.00 ? 48 ARG A N   1 
ATOM 337 C CA  . ARG A 1 48 ? 4.254   -2.787  3.050   1.00 15.00 ? 48 ARG A CA  1 
ATOM 338 C C   . ARG A 1 48 ? 4.379   -2.883  1.487   1.00 15.00 ? 48 ARG A C   1 
ATOM 339 O O   . ARG A 1 48 ? 5.285   -3.633  1.025   1.00 15.00 ? 48 ARG A O   1 
ATOM 340 C CB  . ARG A 1 48 ? 5.246   -1.659  3.467   1.00 15.00 ? 48 ARG A CB  1 
ATOM 341 C CG  . ARG A 1 48 ? 4.642   -0.616  4.514   1.00 15.00 ? 48 ARG A CG  1 
ATOM 342 C CD  . ARG A 1 48 ? 5.521   0.637   4.396   1.00 15.00 ? 48 ARG A CD  1 
ATOM 343 N NE  . ARG A 1 48 ? 5.633   1.280   5.719   1.00 15.00 ? 48 ARG A NE  1 
ATOM 344 C CZ  . ARG A 1 48 ? 6.100   0.749   6.860   1.00 15.00 ? 48 ARG A CZ  1 
ATOM 345 N NH1 . ARG A 1 48 ? 6.602   -0.509  6.900   1.00 15.00 ? 48 ARG A NH1 1 
ATOM 346 N NH2 . ARG A 1 48 ? 6.033   1.488   8.015   1.00 15.00 ? 48 ARG A NH2 1 
ATOM 347 N N   . CYS A 1 49 ? 3.522   -2.090  0.791   1.00 15.00 ? 49 CYS A N   1 
ATOM 348 C CA  . CYS A 1 49 ? 3.608   -2.041  -0.726  1.00 15.00 ? 49 CYS A CA  1 
ATOM 349 C C   . CYS A 1 49 ? 4.548   -0.840  -1.123  1.00 15.00 ? 49 CYS A C   1 
ATOM 350 O O   . CYS A 1 49 ? 4.465   0.308   -0.527  1.00 15.00 ? 49 CYS A O   1 
ATOM 351 C CB  . CYS A 1 49 ? 2.199   -2.054  -1.377  1.00 15.00 ? 49 CYS A CB  1 
ATOM 352 S SG  . CYS A 1 49 ? 2.109   -2.554  -3.145  1.00 15.00 ? 49 CYS A SG  1 
ATOM 353 N N   . LEU A 1 50 ? 5.475   -1.189  -2.077  1.00 15.00 ? 50 LEU A N   1 
ATOM 354 C CA  . LEU A 1 50 ? 6.469   -0.213  -2.599  1.00 15.00 ? 50 LEU A CA  1 
ATOM 355 C C   . LEU A 1 50 ? 6.073   0.371   -4.000  1.00 15.00 ? 50 LEU A C   1 
ATOM 356 O O   . LEU A 1 50 ? 6.806   1.256   -4.496  1.00 15.00 ? 50 LEU A O   1 
ATOM 357 C CB  . LEU A 1 50 ? 7.916   -0.820  -2.707  1.00 15.00 ? 50 LEU A CB  1 
ATOM 358 C CG  . LEU A 1 50 ? 8.462   -1.723  -1.563  1.00 15.00 ? 50 LEU A CG  1 
ATOM 359 C CD1 . LEU A 1 50 ? 9.716   -2.489  -2.125  1.00 15.00 ? 50 LEU A CD1 1 
ATOM 360 C CD2 . LEU A 1 50 ? 8.868   -0.876  -0.345  1.00 15.00 ? 50 LEU A CD2 1 
ATOM 361 N N   . ASP A 1 51 ? 5.040   -0.203  -4.597  1.00 15.00 ? 51 ASP A N   1 
ATOM 362 C CA  . ASP A 1 51 ? 4.472   0.198   -5.919  1.00 15.00 ? 51 ASP A CA  1 
ATOM 363 C C   . ASP A 1 51 ? 4.177   1.726   -5.812  1.00 15.00 ? 51 ASP A C   1 
ATOM 364 O O   . ASP A 1 51 ? 3.893   2.216   -4.713  1.00 15.00 ? 51 ASP A O   1 
ATOM 365 C CB  . ASP A 1 51 ? 3.172   -0.560  -6.243  1.00 15.00 ? 51 ASP A CB  1 
ATOM 366 C CG  . ASP A 1 51 ? 3.348   -2.033  -6.630  1.00 15.00 ? 51 ASP A CG  1 
ATOM 367 O OD1 . ASP A 1 51 ? 4.504   -2.511  -6.715  1.00 15.00 ? 51 ASP A OD1 1 
ATOM 368 O OD2 . ASP A 1 51 ? 2.301   -2.711  -6.843  1.00 15.00 ? 51 ASP A OD2 1 
ATOM 369 N N   . THR A 1 52 ? 4.212   2.374   -6.952  1.00 15.00 ? 52 THR A N   1 
ATOM 370 C CA  . THR A 1 52 ? 4.034   3.858   -7.127  1.00 15.00 ? 52 THR A CA  1 
ATOM 371 C C   . THR A 1 52 ? 3.030   4.013   -8.305  1.00 15.00 ? 52 THR A C   1 
ATOM 372 O O   . THR A 1 52 ? 3.182   3.197   -9.274  1.00 15.00 ? 52 THR A O   1 
ATOM 373 C CB  . THR A 1 52 ? 5.481   4.483   -7.373  1.00 15.00 ? 52 THR A CB  1 
ATOM 374 O OG1 . THR A 1 52 ? 5.511   5.887   -6.926  1.00 15.00 ? 52 THR A OG1 1 
ATOM 375 C CG2 . THR A 1 52 ? 5.923   4.422   -8.897  1.00 15.00 ? 52 THR A CG2 1 
ATOM 376 N N   . ASN A 1 53 ? 2.031   4.896   -8.161  1.00 15.00 ? 53 ASN A N   1 
ATOM 377 C CA  . ASN A 1 53 ? 0.996   5.110   -9.236  1.00 15.00 ? 53 ASN A CA  1 
ATOM 378 C C   . ASN A 1 53 ? 0.912   6.659   -9.413  1.00 15.00 ? 53 ASN A C   1 
ATOM 379 O O   . ASN A 1 53 ? 1.831   7.322   -8.837  1.00 15.00 ? 53 ASN A O   1 
ATOM 380 C CB  . ASN A 1 53 ? -0.320  4.426   -8.840  1.00 15.00 ? 53 ASN A CB  1 
ATOM 381 C CG  . ASN A 1 53 ? -0.215  2.931   -8.505  1.00 15.00 ? 53 ASN A CG  1 
ATOM 382 O OD1 . ASN A 1 53 ? 0.136   2.054   -9.352  1.00 15.00 ? 53 ASN A OD1 1 
ATOM 383 N ND2 . ASN A 1 53 ? -0.530  2.523   -7.226  1.00 15.00 ? 53 ASN A ND2 1 
ATOM 384 N N   . ASP A 1 54 ? -0.065  7.165   -10.152 1.00 15.00 ? 54 ASP A N   1 
ATOM 385 C CA  . ASP A 1 54 ? -0.267  8.626   -10.375 1.00 15.00 ? 54 ASP A CA  1 
ATOM 386 C C   . ASP A 1 54 ? -1.656  8.983   -9.743  1.00 15.00 ? 54 ASP A C   1 
ATOM 387 O O   . ASP A 1 54 ? -2.213  10.080  -9.998  1.00 15.00 ? 54 ASP A O   1 
ATOM 388 C CB  . ASP A 1 54 ? -0.124  9.120   -11.826 1.00 15.00 ? 54 ASP A CB  1 
ATOM 389 C CG  . ASP A 1 54 ? -0.042  8.084   -12.936 1.00 15.00 ? 54 ASP A CG  1 
ATOM 390 O OD1 . ASP A 1 54 ? 1.082   7.558   -13.310 1.00 15.00 ? 54 ASP A OD1 1 
ATOM 391 O OD2 . ASP A 1 54 ? -1.131  7.781   -13.517 1.00 15.00 ? 54 ASP A OD2 1 
ATOM 392 N N   . PHE A 1 55 ? -2.103  8.044   -8.897  1.00 15.00 ? 55 PHE A N   1 
ATOM 393 C CA  . PHE A 1 55 ? -3.375  8.134   -8.094  1.00 15.00 ? 55 PHE A CA  1 
ATOM 394 C C   . PHE A 1 55 ? -3.217  7.358   -6.732  1.00 15.00 ? 55 PHE A C   1 
ATOM 395 O O   . PHE A 1 55 ? -2.370  6.420   -6.547  1.00 15.00 ? 55 PHE A O   1 
ATOM 396 C CB  . PHE A 1 55 ? -4.634  7.584   -8.889  1.00 15.00 ? 55 PHE A CB  1 
ATOM 397 C CG  . PHE A 1 55 ? -4.585  6.100   -9.222  1.00 15.00 ? 55 PHE A CG  1 
ATOM 398 C CD1 . PHE A 1 55 ? -3.981  5.612   -10.397 1.00 15.00 ? 55 PHE A CD1 1 
ATOM 399 C CD2 . PHE A 1 55 ? -5.141  5.139   -8.292  1.00 15.00 ? 55 PHE A CD2 1 
ATOM 400 C CE1 . PHE A 1 55 ? -3.902  4.217   -10.680 1.00 15.00 ? 55 PHE A CE1 1 
ATOM 401 C CE2 . PHE A 1 55 ? -5.075  3.741   -8.545  1.00 15.00 ? 55 PHE A CE2 1 
ATOM 402 C CZ  . PHE A 1 55 ? -4.436  3.310   -9.759  1.00 15.00 ? 55 PHE A CZ  1 
ATOM 403 N N   . CYS A 1 56 ? -4.113  7.707   -5.814  1.00 15.00 ? 56 CYS A N   1 
ATOM 404 C CA  . CYS A 1 56 ? -4.264  7.068   -4.457  1.00 15.00 ? 56 CYS A CA  1 
ATOM 405 C C   . CYS A 1 56 ? -5.509  6.119   -4.443  1.00 15.00 ? 56 CYS A C   1 
ATOM 406 O O   . CYS A 1 56 ? -6.565  6.483   -5.057  1.00 15.00 ? 56 CYS A O   1 
ATOM 407 C CB  . CYS A 1 56 ? -4.414  8.178   -3.383  1.00 15.00 ? 56 CYS A CB  1 
ATOM 408 S SG  . CYS A 1 56 ? -2.944  9.111   -2.842  1.00 15.00 ? 56 CYS A SG  1 
ATOM 409 N N   . TYR A 1 57 ? -5.436  4.975   -3.715  1.00 15.00 ? 57 TYR A N   1 
ATOM 410 C CA  . TYR A 1 57 ? -6.664  4.085   -3.579  1.00 15.00 ? 57 TYR A CA  1 
ATOM 411 C C   . TYR A 1 57 ? -7.588  4.831   -2.556  1.00 15.00 ? 57 TYR A C   1 
ATOM 412 O O   . TYR A 1 57 ? -7.093  5.883   -2.016  1.00 15.00 ? 57 TYR A O   1 
ATOM 413 C CB  . TYR A 1 57 ? -6.272  2.632   -3.239  1.00 15.00 ? 57 TYR A CB  1 
ATOM 414 C CG  . TYR A 1 57 ? -5.664  1.813   -4.415  1.00 15.00 ? 57 TYR A CG  1 
ATOM 415 C CD1 . TYR A 1 57 ? -6.459  1.351   -5.475  1.00 15.00 ? 57 TYR A CD1 1 
ATOM 416 C CD2 . TYR A 1 57 ? -4.290  1.455   -4.443  1.00 15.00 ? 57 TYR A CD2 1 
ATOM 417 C CE1 . TYR A 1 57 ? -5.943  0.564   -6.559  1.00 15.00 ? 57 TYR A CE1 1 
ATOM 418 C CE2 . TYR A 1 57 ? -3.739  0.710   -5.517  1.00 15.00 ? 57 TYR A CE2 1 
ATOM 419 C CZ  . TYR A 1 57 ? -4.567  0.294   -6.597  1.00 15.00 ? 57 TYR A CZ  1 
ATOM 420 O OH  . TYR A 1 57 ? -3.971  -0.436  -7.650  1.00 15.00 ? 57 TYR A OH  1 
ATOM 421 N N   . LYS A 1 58 ? -8.825  4.401   -2.300  1.00 15.00 ? 58 LYS A N   1 
ATOM 422 C CA  . LYS A 1 58 ? -9.710  5.033   -1.268  1.00 15.00 ? 58 LYS A CA  1 
ATOM 423 C C   . LYS A 1 58 ? -9.418  4.367   0.130   1.00 15.00 ? 58 LYS A C   1 
ATOM 424 O O   . LYS A 1 58 ? -8.929  3.189   0.298   1.00 15.00 ? 58 LYS A O   1 
ATOM 425 C CB  . LYS A 1 58 ? -11.204 4.867   -1.670  1.00 15.00 ? 58 LYS A CB  1 
ATOM 426 C CG  . LYS A 1 58 ? -11.610 5.581   -3.019  1.00 15.00 ? 58 LYS A CG  1 
ATOM 427 C CD  . LYS A 1 58 ? -12.376 6.927   -2.665  1.00 15.00 ? 58 LYS A CD  1 
ATOM 428 C CE  . LYS A 1 58 ? -13.674 7.227   -3.435  1.00 15.00 ? 58 LYS A CE  1 
ATOM 429 N NZ  . LYS A 1 58 ? -14.916 7.197   -2.537  1.00 15.00 ? 58 LYS A NZ  1 
ATOM 430 N N   . PRO A 1 59 ? -9.724  5.106   1.214   1.00 15.00 ? 59 PRO A N   1 
ATOM 431 C CA  . PRO A 1 59 ? -9.545  4.695   2.614   1.00 15.00 ? 59 PRO A CA  1 
ATOM 432 C C   . PRO A 1 59 ? -10.204 3.325   2.870   1.00 15.00 ? 59 PRO A C   1 
ATOM 433 O O   . PRO A 1 59 ? -11.254 3.064   2.220   1.00 15.00 ? 59 PRO A O   1 
ATOM 434 C CB  . PRO A 1 59 ? -10.321 5.762   3.457   1.00 15.00 ? 59 PRO A CB  1 
ATOM 435 C CG  . PRO A 1 59 ? -10.137 7.037   2.600   1.00 15.00 ? 59 PRO A CG  1 
ATOM 436 C CD  . PRO A 1 59 ? -10.346 6.501   1.146   1.00 15.00 ? 59 PRO A CD  1 
ATOM 437 N N   . CYS A 1 60 ? -9.633  2.564   3.798   1.00 15.00 ? 60 CYS A N   1 
ATOM 438 C CA  . CYS A 1 60 ? -10.287 1.235   4.133   1.00 15.00 ? 60 CYS A CA  1 
ATOM 439 C C   . CYS A 1 60 ? -11.630 1.521   4.912   1.00 15.00 ? 60 CYS A C   1 
ATOM 440 O O   . CYS A 1 60 ? -11.843 2.195   5.956   1.00 15.00 ? 60 CYS A O   1 
ATOM 441 C CB  . CYS A 1 60 ? -9.300  0.268   4.774   1.00 15.00 ? 60 CYS A CB  1 
ATOM 442 S SG  . CYS A 1 60 ? -7.878  -0.055  3.764   1.00 15.00 ? 60 CYS A SG  1 
ATOM 443 N N   . LYS A 1 61 ? -12.629 0.935   4.254   1.00 15.00 ? 61 LYS A N   1 
ATOM 444 C CA  . LYS A 1 61 ? -14.092 0.944   4.607   1.00 15.00 ? 61 LYS A CA  1 
ATOM 445 C C   . LYS A 1 61 ? -14.235 -0.266  5.571   1.00 15.00 ? 61 LYS A C   1 
ATOM 446 O O   . LYS A 1 61 ? -14.146 -1.479  5.191   1.00 15.00 ? 61 LYS A O   1 
ATOM 447 C CB  . LYS A 1 61 ? -14.869 0.828   3.273   1.00 15.00 ? 61 LYS A CB  1 
ATOM 448 C CG  . LYS A 1 61 ? -14.093 -0.134  2.241   1.00 15.00 ? 61 LYS A CG  1 
ATOM 449 C CD  . LYS A 1 61 ? -13.013 0.589   1.367   1.00 15.00 ? 61 LYS A CD  1 
ATOM 450 C CE  . LYS A 1 61 ? -12.996 -0.005  -0.078  1.00 15.00 ? 61 LYS A CE  1 
ATOM 451 N NZ  . LYS A 1 61 ? -12.222 0.897   -1.022  1.00 15.00 ? 61 LYS A NZ  1 
ATOM 452 N N   . SER A 1 62 ? -14.337 0.102   6.854   1.00 15.00 ? 62 SER A N   1 
ATOM 453 C CA  . SER A 1 62 ? -14.441 -0.851  8.027   1.00 15.00 ? 62 SER A CA  1 
ATOM 454 C C   . SER A 1 62 ? -14.558 0.124   9.257   1.00 15.00 ? 62 SER A C   1 
ATOM 455 O O   . SER A 1 62 ? -15.596 0.234   9.941   1.00 15.00 ? 62 SER A O   1 
ATOM 456 C CB  . SER A 1 62 ? -13.211 -1.780  8.099   1.00 15.00 ? 62 SER A CB  1 
ATOM 457 N N   . ARG A 1 63 ? -13.444 0.863   9.407   1.00 15.00 ? 63 ARG A N   1 
ATOM 458 C CA  . ARG A 1 63 ? -13.265 1.944   10.424  1.00 15.00 ? 63 ARG A CA  1 
ATOM 459 C C   . ARG A 1 63 ? -13.386 3.304   9.633   1.00 15.00 ? 63 ARG A C   1 
ATOM 460 O O   . ARG A 1 63 ? -13.038 3.380   8.398   1.00 15.00 ? 63 ARG A O   1 
ATOM 461 C CB  . ARG A 1 63 ? -11.913 1.816   11.181  1.00 15.00 ? 63 ARG A CB  1 
# 
